data_8RIA
#
_entry.id   8RIA
#
_cell.length_a   1.00
_cell.length_b   1.00
_cell.length_c   1.00
_cell.angle_alpha   90.00
_cell.angle_beta   90.00
_cell.angle_gamma   90.00
#
_symmetry.space_group_name_H-M   'P 1'
#
_entity_poly.entity_id   1
_entity_poly.type   'polypeptide(L)'
_entity_poly.pdbx_seq_one_letter_code
;MSSSHHHHHHMPTKKQKSKSKLKPFFALVRRTNPSYGKLAFALALSVVTTLVSLLIPLLTKQLVDGFSMSNLSGTQIGLI
ALVFFVQAGLSAYATYALNYNGQKIISGLRELLWKKLIKLPVSYFDTNASGETVSRVTNDTMVVKELITTHISGFITGII
SVIGSLTILFIMNWKLTLLVLVVVPLAALILVPIGRKMFSISRETQDETARFTGLLNQILPEIRLVKASNAEDVEYGRGK
MGISSLFKLGVREAKVQSLVGPLISLVLMAALVAVIGYGGMQVSSGELTAGALVAFILYLFQIIMPMGQITTFFTQLQKS
IGATERMIEILAEEEEDTVTGKQIENAHLPIQLDRVSFGYKPDQLILKEVSAVIEAGKVTAIVGPSGGGKTTLFKLLERF
YSPTAGTIRLGDEPVDTYSLESWREHIGYVSQESPLMSGTIRENICYGLERDVTDAEIEKAAEMAYALNFIKELPNQFDT
EVGERGIMLSGGQRQRIAIARALLRNPSILMLDAATSSLDSQSEKSVQQALEVLMEGRTTIVIAHRLSTVVDADQLLFVE
KGEITGRGTHHELMASHGLYRDFAEQQLKMNADLENKAG
;
_entity_poly.pdbx_strand_id   A,B
#
# COMPACT_ATOMS: atom_id res chain seq x y z
N SER A 20 -8.53 31.15 19.34
CA SER A 20 -7.12 31.47 19.22
C SER A 20 -6.53 30.87 17.94
N LYS A 21 -6.72 29.57 17.75
CA LYS A 21 -6.27 28.91 16.53
C LYS A 21 -7.11 29.34 15.34
N LEU A 22 -8.34 29.77 15.61
CA LEU A 22 -9.16 30.38 14.60
C LEU A 22 -8.49 31.62 14.03
N LYS A 23 -7.58 32.25 14.77
CA LYS A 23 -6.83 33.38 14.21
C LYS A 23 -5.91 32.95 13.07
N PRO A 24 -5.05 31.92 13.21
CA PRO A 24 -4.36 31.42 12.02
C PRO A 24 -5.29 30.94 10.92
N PHE A 25 -6.41 30.31 11.29
CA PHE A 25 -7.35 29.88 10.27
C PHE A 25 -7.83 31.06 9.43
N PHE A 26 -8.26 32.13 10.10
CA PHE A 26 -8.73 33.32 9.42
C PHE A 26 -7.61 33.98 8.63
N ALA A 27 -6.38 33.96 9.16
CA ALA A 27 -5.27 34.56 8.45
C ALA A 27 -5.02 33.85 7.13
N LEU A 28 -5.05 32.52 7.14
CA LEU A 28 -4.85 31.77 5.90
C LEU A 28 -5.96 32.05 4.91
N VAL A 29 -7.22 31.92 5.33
CA VAL A 29 -8.30 32.17 4.38
C VAL A 29 -8.39 33.63 3.99
N ARG A 30 -7.72 34.52 4.73
CA ARG A 30 -7.57 35.89 4.28
C ARG A 30 -6.52 35.99 3.19
N ARG A 31 -5.45 35.20 3.33
CA ARG A 31 -4.50 35.03 2.23
C ARG A 31 -5.23 34.55 0.99
N THR A 32 -6.31 33.79 1.19
CA THR A 32 -7.17 33.47 0.06
C THR A 32 -7.77 34.75 -0.51
N ASN A 33 -8.38 35.53 0.37
CA ASN A 33 -8.88 36.87 0.00
C ASN A 33 -10.35 37.00 -0.38
N PRO A 34 -10.67 36.83 -1.66
CA PRO A 34 -12.06 37.13 -2.01
C PRO A 34 -13.27 36.27 -1.84
N SER A 35 -13.66 35.99 -0.60
CA SER A 35 -14.91 35.24 -0.48
C SER A 35 -16.01 35.67 0.49
N TYR A 36 -15.76 36.59 1.42
CA TYR A 36 -16.61 36.72 2.60
C TYR A 36 -18.11 36.76 2.33
N GLY A 37 -18.52 37.68 1.46
CA GLY A 37 -19.94 37.90 1.26
C GLY A 37 -20.65 36.69 0.71
N LYS A 38 -20.03 36.03 -0.27
CA LYS A 38 -20.70 34.89 -0.90
C LYS A 38 -20.86 33.74 0.09
N LEU A 39 -19.83 33.49 0.90
CA LEU A 39 -19.96 32.47 1.92
C LEU A 39 -21.05 32.81 2.92
N ALA A 40 -21.15 34.08 3.31
CA ALA A 40 -22.22 34.47 4.22
C ALA A 40 -23.58 34.21 3.59
N PHE A 41 -23.74 34.58 2.31
CA PHE A 41 -24.97 34.33 1.60
C PHE A 41 -25.33 32.85 1.65
N ALA A 42 -24.37 32.00 1.34
CA ALA A 42 -24.64 30.57 1.30
C ALA A 42 -25.01 30.03 2.66
N LEU A 43 -24.28 30.43 3.70
CA LEU A 43 -24.56 29.91 5.04
C LEU A 43 -25.94 30.33 5.50
N ALA A 44 -26.30 31.58 5.29
CA ALA A 44 -27.63 32.03 5.66
C ALA A 44 -28.69 31.27 4.86
N LEU A 45 -28.44 31.01 3.58
CA LEU A 45 -29.39 30.25 2.80
C LEU A 45 -29.59 28.85 3.38
N SER A 46 -28.49 28.21 3.80
CA SER A 46 -28.61 26.89 4.39
C SER A 46 -29.42 26.94 5.67
N VAL A 47 -29.22 27.98 6.47
CA VAL A 47 -30.04 28.16 7.66
C VAL A 47 -31.51 28.26 7.29
N VAL A 48 -31.80 29.02 6.23
CA VAL A 48 -33.17 29.16 5.76
C VAL A 48 -33.74 27.80 5.39
N THR A 49 -32.96 27.01 4.67
CA THR A 49 -33.41 25.68 4.26
C THR A 49 -33.73 24.82 5.47
N THR A 50 -32.85 24.82 6.45
CA THR A 50 -33.06 23.97 7.60
C THR A 50 -34.30 24.41 8.38
N LEU A 51 -34.53 25.72 8.45
CA LEU A 51 -35.77 26.18 9.07
C LEU A 51 -36.97 25.67 8.29
N VAL A 52 -36.90 25.67 6.97
CA VAL A 52 -37.99 25.12 6.17
C VAL A 52 -38.21 23.66 6.52
N SER A 53 -37.11 22.92 6.67
CA SER A 53 -37.23 21.52 7.05
C SER A 53 -37.94 21.37 8.39
N LEU A 54 -37.59 22.22 9.35
CA LEU A 54 -38.31 22.26 10.62
C LEU A 54 -39.80 22.44 10.36
N LEU A 55 -40.12 23.35 9.45
CA LEU A 55 -41.51 23.71 9.19
C LEU A 55 -42.30 22.52 8.66
N ILE A 56 -41.65 21.69 7.86
CA ILE A 56 -42.33 20.67 7.04
C ILE A 56 -43.48 19.97 7.75
N PRO A 57 -43.27 19.22 8.81
CA PRO A 57 -44.28 18.25 9.23
C PRO A 57 -45.53 18.90 9.79
N LEU A 58 -45.41 20.14 10.23
CA LEU A 58 -46.60 20.84 10.71
C LEU A 58 -47.66 20.87 9.63
N LEU A 59 -47.24 21.02 8.37
CA LEU A 59 -48.19 20.98 7.27
C LEU A 59 -48.87 19.62 7.20
N THR A 60 -48.11 18.55 7.37
CA THR A 60 -48.68 17.22 7.36
C THR A 60 -49.69 17.07 8.48
N LYS A 61 -49.39 17.65 9.64
CA LYS A 61 -50.31 17.57 10.76
C LYS A 61 -51.61 18.27 10.42
N GLN A 62 -51.52 19.45 9.81
CA GLN A 62 -52.73 20.14 9.38
C GLN A 62 -53.52 19.26 8.41
N LEU A 63 -52.80 18.62 7.49
CA LEU A 63 -53.47 17.77 6.50
C LEU A 63 -54.20 16.62 7.16
N VAL A 64 -53.50 15.87 8.02
CA VAL A 64 -54.09 14.67 8.61
C VAL A 64 -55.23 15.04 9.54
N ASP A 65 -55.10 16.17 10.24
CA ASP A 65 -56.20 16.63 11.08
C ASP A 65 -57.32 17.23 10.23
N GLY A 66 -57.09 17.35 8.92
CA GLY A 66 -58.14 17.79 8.03
C GLY A 66 -59.10 16.63 7.97
N PHE A 67 -58.58 15.45 7.65
CA PHE A 67 -59.26 14.15 7.68
C PHE A 67 -60.22 13.13 7.09
N SER A 68 -60.62 13.33 5.83
CA SER A 68 -61.63 12.55 5.14
C SER A 68 -61.45 13.60 4.06
N MET A 69 -62.46 13.77 3.19
CA MET A 69 -62.66 14.94 2.34
C MET A 69 -61.34 15.23 1.62
N SER A 70 -60.90 14.30 0.77
CA SER A 70 -59.61 14.43 0.12
C SER A 70 -59.57 15.63 -0.82
N ASN A 71 -60.70 16.30 -1.06
CA ASN A 71 -60.72 17.44 -1.97
C ASN A 71 -59.84 18.58 -1.44
N LEU A 72 -60.23 19.18 -0.31
CA LEU A 72 -59.42 20.21 0.31
C LEU A 72 -58.07 19.66 0.76
N SER A 73 -58.03 18.37 1.07
CA SER A 73 -56.76 17.69 1.28
C SER A 73 -55.85 17.87 0.08
N GLY A 74 -56.41 17.95 -1.12
CA GLY A 74 -55.63 18.21 -2.31
C GLY A 74 -54.92 19.53 -2.27
N THR A 75 -55.62 20.59 -1.89
CA THR A 75 -54.98 21.89 -1.75
C THR A 75 -53.91 21.87 -0.67
N GLN A 76 -54.21 21.23 0.45
CA GLN A 76 -53.26 21.20 1.55
C GLN A 76 -52.00 20.44 1.15
N ILE A 77 -52.16 19.28 0.53
CA ILE A 77 -51.01 18.49 0.12
C ILE A 77 -50.26 19.20 -1.00
N GLY A 78 -50.95 20.00 -1.81
CA GLY A 78 -50.26 20.80 -2.80
C GLY A 78 -49.38 21.84 -2.15
N LEU A 79 -49.88 22.48 -1.09
CA LEU A 79 -49.05 23.39 -0.33
C LEU A 79 -47.82 22.66 0.19
N ILE A 80 -48.03 21.44 0.68
CA ILE A 80 -46.91 20.61 1.12
C ILE A 80 -45.90 20.46 0.00
N ALA A 81 -46.39 20.15 -1.20
CA ALA A 81 -45.49 19.90 -2.32
C ALA A 81 -44.69 21.13 -2.69
N LEU A 82 -45.34 22.30 -2.73
CA LEU A 82 -44.62 23.52 -3.06
C LEU A 82 -43.56 23.83 -2.00
N VAL A 83 -43.88 23.59 -0.74
CA VAL A 83 -42.87 23.81 0.30
C VAL A 83 -41.70 22.87 0.08
N PHE A 84 -41.97 21.61 -0.24
CA PHE A 84 -40.89 20.67 -0.52
C PHE A 84 -40.03 21.16 -1.68
N PHE A 85 -40.68 21.64 -2.74
CA PHE A 85 -39.95 22.03 -3.95
C PHE A 85 -39.05 23.23 -3.67
N VAL A 86 -39.58 24.24 -2.99
CA VAL A 86 -38.76 25.41 -2.71
C VAL A 86 -37.63 25.05 -1.76
N GLN A 87 -37.90 24.14 -0.81
CA GLN A 87 -36.84 23.64 0.05
C GLN A 87 -35.71 23.04 -0.78
N ALA A 88 -36.08 22.14 -1.71
CA ALA A 88 -35.06 21.49 -2.51
C ALA A 88 -34.26 22.49 -3.32
N GLY A 89 -34.96 23.41 -3.99
CA GLY A 89 -34.26 24.36 -4.84
C GLY A 89 -33.33 25.26 -4.08
N LEU A 90 -33.80 25.81 -2.96
CA LEU A 90 -32.93 26.65 -2.15
C LEU A 90 -31.73 25.88 -1.65
N SER A 91 -31.95 24.64 -1.20
CA SER A 91 -30.82 23.82 -0.76
C SER A 91 -29.83 23.60 -1.88
N ALA A 92 -30.33 23.39 -3.09
CA ALA A 92 -29.45 23.19 -4.23
C ALA A 92 -28.57 24.40 -4.46
N TYR A 93 -29.18 25.58 -4.48
CA TYR A 93 -28.39 26.79 -4.70
C TYR A 93 -27.36 26.95 -3.61
N ALA A 94 -27.76 26.66 -2.38
CA ALA A 94 -26.84 26.74 -1.25
C ALA A 94 -25.63 25.86 -1.50
N THR A 95 -25.89 24.60 -1.86
CA THR A 95 -24.78 23.66 -2.02
C THR A 95 -23.89 24.05 -3.17
N TYR A 96 -24.48 24.50 -4.27
CA TYR A 96 -23.67 24.90 -5.42
C TYR A 96 -22.76 26.06 -5.04
N ALA A 97 -23.30 27.06 -4.37
CA ALA A 97 -22.49 28.21 -3.99
C ALA A 97 -21.38 27.79 -3.04
N LEU A 98 -21.71 26.98 -2.04
CA LEU A 98 -20.71 26.51 -1.11
C LEU A 98 -19.56 25.83 -1.83
N ASN A 99 -19.88 24.84 -2.66
CA ASN A 99 -18.82 24.08 -3.29
C ASN A 99 -18.03 24.93 -4.28
N TYR A 100 -18.70 25.80 -5.02
CA TYR A 100 -17.99 26.63 -5.99
C TYR A 100 -17.00 27.54 -5.28
N ASN A 101 -17.46 28.25 -4.26
CA ASN A 101 -16.54 29.08 -3.51
C ASN A 101 -15.42 28.26 -2.92
N GLY A 102 -15.73 27.13 -2.29
CA GLY A 102 -14.70 26.34 -1.67
C GLY A 102 -13.64 25.93 -2.65
N GLN A 103 -14.07 25.54 -3.85
CA GLN A 103 -13.10 25.21 -4.89
C GLN A 103 -12.27 26.42 -5.24
N LYS A 104 -12.86 27.62 -5.21
CA LYS A 104 -12.07 28.83 -5.46
C LYS A 104 -10.98 29.02 -4.41
N ILE A 105 -11.33 28.84 -3.14
CA ILE A 105 -10.32 28.91 -2.09
C ILE A 105 -9.26 27.84 -2.31
N ILE A 106 -9.67 26.65 -2.72
CA ILE A 106 -8.68 25.60 -2.97
C ILE A 106 -7.74 26.00 -4.09
N SER A 107 -8.29 26.58 -5.15
CA SER A 107 -7.44 27.08 -6.21
C SER A 107 -6.43 28.07 -5.66
N GLY A 108 -6.90 29.03 -4.87
CA GLY A 108 -6.00 30.03 -4.34
C GLY A 108 -4.89 29.41 -3.51
N LEU A 109 -5.26 28.51 -2.62
CA LEU A 109 -4.28 27.84 -1.79
C LEU A 109 -3.27 27.09 -2.64
N ARG A 110 -3.74 26.33 -3.62
CA ARG A 110 -2.82 25.53 -4.39
C ARG A 110 -1.86 26.41 -5.19
N GLU A 111 -2.36 27.49 -5.78
CA GLU A 111 -1.46 28.38 -6.50
C GLU A 111 -0.43 28.98 -5.56
N LEU A 112 -0.86 29.41 -4.38
CA LEU A 112 0.09 30.02 -3.45
C LEU A 112 1.15 29.01 -3.02
N LEU A 113 0.73 27.81 -2.63
CA LEU A 113 1.69 26.80 -2.19
C LEU A 113 2.66 26.47 -3.31
N TRP A 114 2.17 26.32 -4.53
CA TRP A 114 3.04 25.92 -5.62
C TRP A 114 4.04 27.01 -5.95
N LYS A 115 3.55 28.24 -6.10
CA LYS A 115 4.44 29.37 -6.37
C LYS A 115 5.52 29.47 -5.30
N LYS A 116 5.11 29.38 -4.05
CA LYS A 116 6.05 29.42 -2.94
C LYS A 116 7.08 28.32 -3.11
N LEU A 117 6.61 27.08 -3.03
CA LEU A 117 7.45 25.90 -2.98
C LEU A 117 8.45 25.87 -4.12
N ILE A 118 8.00 26.18 -5.33
CA ILE A 118 8.95 26.16 -6.44
C ILE A 118 9.92 27.32 -6.34
N LYS A 119 9.44 28.51 -6.03
CA LYS A 119 10.30 29.68 -6.13
C LYS A 119 11.30 29.79 -5.00
N LEU A 120 10.84 29.96 -3.76
CA LEU A 120 11.78 30.28 -2.68
C LEU A 120 12.61 29.08 -2.25
N PRO A 121 12.03 27.96 -1.78
CA PRO A 121 12.82 26.95 -1.08
C PRO A 121 14.05 26.49 -1.84
N VAL A 122 15.22 26.83 -1.32
CA VAL A 122 16.46 26.40 -1.94
C VAL A 122 16.49 24.89 -1.77
N SER A 123 17.46 24.24 -2.40
CA SER A 123 17.56 22.78 -2.49
C SER A 123 17.42 22.11 -1.13
N TYR A 124 17.89 22.77 -0.08
CA TYR A 124 17.94 22.12 1.23
C TYR A 124 16.55 21.78 1.73
N PHE A 125 15.59 22.68 1.52
CA PHE A 125 14.23 22.38 1.97
C PHE A 125 13.69 21.14 1.29
N ASP A 126 14.14 20.88 0.05
CA ASP A 126 13.79 19.62 -0.59
C ASP A 126 14.62 18.48 -0.03
N THR A 127 15.85 18.76 0.39
CA THR A 127 16.67 17.72 1.00
C THR A 127 16.06 17.25 2.30
N ASN A 128 15.13 18.02 2.86
CA ASN A 128 14.27 17.47 3.90
C ASN A 128 13.76 16.10 3.49
N ALA A 129 12.93 16.06 2.44
CA ALA A 129 12.62 14.87 1.65
C ALA A 129 11.65 15.30 0.55
N SER A 130 11.18 14.36 -0.27
CA SER A 130 10.38 14.74 -1.43
C SER A 130 8.90 14.42 -1.28
N GLY A 131 8.58 13.14 -1.10
CA GLY A 131 7.19 12.72 -1.22
C GLY A 131 6.27 13.33 -0.19
N GLU A 132 6.77 13.54 1.03
CA GLU A 132 5.91 14.03 2.08
C GLU A 132 5.34 15.40 1.72
N THR A 133 6.09 16.18 0.94
CA THR A 133 5.66 17.54 0.63
C THR A 133 4.48 17.54 -0.32
N VAL A 134 4.55 16.75 -1.38
CA VAL A 134 3.43 16.69 -2.32
C VAL A 134 2.22 16.05 -1.66
N SER A 135 2.46 15.04 -0.83
CA SER A 135 1.34 14.43 -0.12
C SER A 135 0.69 15.45 0.81
N ARG A 136 1.51 16.20 1.54
CA ARG A 136 1.09 17.35 2.31
C ARG A 136 0.15 18.22 1.50
N VAL A 137 0.66 18.73 0.39
CA VAL A 137 -0.08 19.63 -0.46
C VAL A 137 -1.44 19.04 -0.77
N THR A 138 -1.45 17.91 -1.47
CA THR A 138 -2.72 17.38 -1.98
C THR A 138 -3.70 17.05 -0.86
N ASN A 139 -3.25 16.24 0.10
CA ASN A 139 -4.16 15.75 1.13
C ASN A 139 -4.68 16.89 1.99
N ASP A 140 -3.81 17.81 2.37
CA ASP A 140 -4.25 18.89 3.25
C ASP A 140 -5.18 19.85 2.52
N THR A 141 -4.93 20.10 1.23
CA THR A 141 -5.90 20.88 0.47
C THR A 141 -7.25 20.20 0.46
N MET A 142 -7.27 18.89 0.20
CA MET A 142 -8.53 18.17 0.21
C MET A 142 -9.24 18.31 1.56
N VAL A 143 -8.48 18.12 2.65
CA VAL A 143 -9.08 18.15 3.96
C VAL A 143 -9.64 19.53 4.27
N VAL A 144 -8.90 20.57 3.88
CA VAL A 144 -9.37 21.93 4.13
C VAL A 144 -10.66 22.20 3.38
N LYS A 145 -10.72 21.78 2.11
CA LYS A 145 -11.94 21.98 1.32
C LYS A 145 -13.12 21.29 1.98
N GLU A 146 -12.94 20.01 2.27
CA GLU A 146 -14.01 19.21 2.86
C GLU A 146 -14.48 19.88 4.14
N LEU A 147 -13.53 20.22 5.02
CA LEU A 147 -13.82 20.96 6.23
C LEU A 147 -14.72 22.13 5.92
N ILE A 148 -14.19 23.10 5.18
CA ILE A 148 -14.84 24.39 5.05
C ILE A 148 -16.26 24.13 4.61
N THR A 149 -16.39 23.62 3.39
CA THR A 149 -17.72 23.53 2.82
C THR A 149 -18.76 22.57 3.40
N THR A 150 -18.30 21.38 3.77
CA THR A 150 -19.22 20.31 4.06
C THR A 150 -19.49 20.52 5.54
N HIS A 151 -18.44 20.62 6.34
CA HIS A 151 -18.61 20.54 7.78
C HIS A 151 -19.03 21.86 8.40
N ILE A 152 -18.61 23.02 7.89
CA ILE A 152 -19.18 24.21 8.49
C ILE A 152 -20.67 24.20 8.20
N SER A 153 -21.04 23.93 6.95
CA SER A 153 -22.47 23.88 6.63
C SER A 153 -23.18 22.88 7.53
N GLY A 154 -22.58 21.70 7.69
CA GLY A 154 -23.25 20.65 8.43
C GLY A 154 -23.39 20.97 9.90
N PHE A 155 -22.36 21.53 10.50
CA PHE A 155 -22.41 21.84 11.93
C PHE A 155 -23.50 22.85 12.20
N ILE A 156 -23.53 23.94 11.45
CA ILE A 156 -24.59 24.92 11.69
C ILE A 156 -25.95 24.30 11.42
N THR A 157 -26.06 23.55 10.33
CA THR A 157 -27.32 22.92 9.96
C THR A 157 -27.83 22.05 11.09
N GLY A 158 -26.96 21.20 11.62
CA GLY A 158 -27.37 20.24 12.62
C GLY A 158 -27.72 20.88 13.94
N ILE A 159 -26.93 21.85 14.39
CA ILE A 159 -27.26 22.49 15.66
C ILE A 159 -28.62 23.18 15.55
N ILE A 160 -28.83 23.89 14.44
CA ILE A 160 -30.11 24.55 14.24
C ILE A 160 -31.24 23.52 14.24
N SER A 161 -31.04 22.45 13.48
CA SER A 161 -32.06 21.43 13.31
C SER A 161 -32.43 20.79 14.64
N VAL A 162 -31.43 20.38 15.41
CA VAL A 162 -31.71 19.63 16.63
C VAL A 162 -32.34 20.53 17.67
N ILE A 163 -31.84 21.76 17.81
CA ILE A 163 -32.42 22.65 18.81
C ILE A 163 -33.87 22.96 18.45
N GLY A 164 -34.12 23.32 17.19
CA GLY A 164 -35.48 23.59 16.78
C GLY A 164 -36.36 22.37 16.95
N SER A 165 -35.83 21.19 16.66
CA SER A 165 -36.60 19.97 16.80
C SER A 165 -37.03 19.75 18.23
N LEU A 166 -36.09 19.91 19.15
CA LEU A 166 -36.42 19.71 20.55
C LEU A 166 -37.43 20.76 21.03
N THR A 167 -37.30 22.00 20.57
CA THR A 167 -38.23 23.03 21.01
C THR A 167 -39.65 22.74 20.51
N ILE A 168 -39.79 22.48 19.22
CA ILE A 168 -41.14 22.24 18.71
C ILE A 168 -41.66 20.93 19.27
N LEU A 169 -40.78 20.01 19.65
CA LEU A 169 -41.25 18.80 20.30
C LEU A 169 -41.77 19.09 21.70
N PHE A 170 -41.08 19.97 22.45
CA PHE A 170 -41.67 20.53 23.67
C PHE A 170 -43.09 20.96 23.39
N ILE A 171 -43.24 21.95 22.52
CA ILE A 171 -44.54 22.56 22.28
C ILE A 171 -45.57 21.51 21.88
N MET A 172 -45.10 20.43 21.25
CA MET A 172 -46.03 19.41 20.79
C MET A 172 -46.50 18.50 21.91
N ASN A 173 -45.59 17.75 22.54
CA ASN A 173 -46.01 16.70 23.47
C ASN A 173 -44.99 17.55 24.23
N TRP A 174 -45.27 17.74 25.53
CA TRP A 174 -44.34 18.17 26.58
C TRP A 174 -43.36 17.49 27.53
N LYS A 175 -43.81 16.42 28.18
CA LYS A 175 -43.12 15.93 29.36
C LYS A 175 -43.16 14.44 29.07
N LEU A 176 -44.03 14.01 28.18
CA LEU A 176 -44.24 12.57 28.01
C LEU A 176 -43.25 12.29 26.89
N THR A 177 -43.49 12.91 25.73
CA THR A 177 -42.61 12.59 24.63
C THR A 177 -41.18 13.02 24.86
N LEU A 178 -40.94 14.20 25.45
CA LEU A 178 -39.56 14.63 25.54
C LEU A 178 -38.77 13.79 26.54
N LEU A 179 -39.40 13.43 27.65
CA LEU A 179 -38.73 12.60 28.62
C LEU A 179 -38.38 11.25 28.03
N VAL A 180 -39.32 10.63 27.31
CA VAL A 180 -39.01 9.34 26.70
C VAL A 180 -37.85 9.49 25.72
N LEU A 181 -37.93 10.50 24.86
CA LEU A 181 -36.91 10.66 23.83
C LEU A 181 -35.55 10.88 24.45
N VAL A 182 -35.47 11.71 25.49
CA VAL A 182 -34.18 12.00 26.09
C VAL A 182 -33.63 10.76 26.78
N VAL A 183 -34.49 9.98 27.43
CA VAL A 183 -33.97 8.87 28.20
C VAL A 183 -33.57 7.72 27.28
N VAL A 184 -34.04 7.71 26.03
CA VAL A 184 -33.65 6.58 25.17
C VAL A 184 -32.17 6.65 24.77
N PRO A 185 -31.67 7.76 24.19
CA PRO A 185 -30.21 7.89 24.06
C PRO A 185 -29.43 7.60 25.32
N LEU A 186 -30.04 7.69 26.51
CA LEU A 186 -29.34 7.26 27.72
C LEU A 186 -29.01 5.78 27.62
N ALA A 187 -30.00 4.95 27.32
CA ALA A 187 -29.70 3.55 27.11
C ALA A 187 -28.78 3.33 25.92
N ALA A 188 -28.84 4.18 24.91
CA ALA A 188 -27.90 4.05 23.80
C ALA A 188 -26.47 4.26 24.26
N LEU A 189 -26.24 5.28 25.11
CA LEU A 189 -24.92 5.49 25.68
C LEU A 189 -24.51 4.32 26.54
N ILE A 190 -25.48 3.71 27.24
CA ILE A 190 -25.20 2.48 27.99
C ILE A 190 -24.66 1.44 27.03
N LEU A 191 -25.27 1.36 25.85
CA LEU A 191 -24.87 0.39 24.83
C LEU A 191 -23.44 0.59 24.33
N VAL A 192 -23.09 1.83 24.00
CA VAL A 192 -21.90 2.12 23.18
C VAL A 192 -20.63 1.42 23.65
N PRO A 193 -20.27 1.45 24.94
CA PRO A 193 -18.98 0.84 25.34
C PRO A 193 -18.87 -0.63 24.99
N ILE A 194 -19.97 -1.38 25.01
CA ILE A 194 -19.89 -2.77 24.60
C ILE A 194 -19.50 -2.87 23.13
N GLY A 195 -20.09 -2.02 22.29
CA GLY A 195 -19.67 -1.99 20.90
C GLY A 195 -18.20 -1.64 20.75
N ARG A 196 -17.72 -0.71 21.58
CA ARG A 196 -16.30 -0.36 21.55
C ARG A 196 -15.45 -1.57 21.89
N LYS A 197 -15.84 -2.32 22.92
CA LYS A 197 -15.08 -3.51 23.30
C LYS A 197 -15.06 -4.53 22.19
N MET A 198 -16.19 -4.71 21.51
CA MET A 198 -16.24 -5.61 20.36
C MET A 198 -15.27 -5.14 19.29
N PHE A 199 -15.24 -3.84 19.02
CA PHE A 199 -14.33 -3.30 18.01
C PHE A 199 -12.88 -3.57 18.39
N SER A 200 -12.54 -3.38 19.67
CA SER A 200 -11.18 -3.61 20.12
C SER A 200 -10.78 -5.07 19.96
N ILE A 201 -11.69 -5.99 20.31
CA ILE A 201 -11.36 -7.40 20.15
C ILE A 201 -11.21 -7.74 18.68
N SER A 202 -12.01 -7.14 17.82
CA SER A 202 -11.85 -7.36 16.39
C SER A 202 -10.46 -6.92 15.94
N ARG A 203 -10.00 -5.77 16.44
CA ARG A 203 -8.65 -5.33 16.11
C ARG A 203 -7.61 -6.32 16.59
N GLU A 204 -7.78 -6.85 17.80
CA GLU A 204 -6.89 -7.89 18.29
C GLU A 204 -6.90 -9.09 17.34
N THR A 205 -8.06 -9.35 16.75
CA THR A 205 -8.21 -10.45 15.80
C THR A 205 -7.36 -10.23 14.55
N GLN A 206 -7.50 -9.07 13.91
CA GLN A 206 -6.63 -8.83 12.75
C GLN A 206 -5.16 -8.85 13.16
N ASP A 207 -4.86 -8.47 14.40
CA ASP A 207 -3.47 -8.51 14.83
C ASP A 207 -2.90 -9.93 14.71
N GLU A 208 -3.63 -10.91 15.23
CA GLU A 208 -3.15 -12.28 15.11
C GLU A 208 -3.22 -12.79 13.68
N THR A 209 -4.17 -12.33 12.88
CA THR A 209 -4.18 -12.74 11.48
C THR A 209 -2.90 -12.29 10.79
N ALA A 210 -2.48 -11.05 11.04
CA ALA A 210 -1.24 -10.56 10.47
C ALA A 210 -0.03 -11.31 11.04
N ARG A 211 -0.08 -11.67 12.33
CA ARG A 211 0.99 -12.48 12.89
C ARG A 211 1.14 -13.79 12.13
N PHE A 212 0.02 -14.47 11.90
CA PHE A 212 0.05 -15.73 11.17
C PHE A 212 0.53 -15.50 9.74
N THR A 213 0.10 -14.40 9.14
CA THR A 213 0.52 -14.06 7.79
C THR A 213 2.03 -13.92 7.72
N GLY A 214 2.60 -13.16 8.66
CA GLY A 214 4.04 -12.98 8.68
C GLY A 214 4.78 -14.27 8.91
N LEU A 215 4.24 -15.12 9.80
CA LEU A 215 4.86 -16.43 10.00
C LEU A 215 4.92 -17.20 8.70
N LEU A 216 3.82 -17.21 7.97
CA LEU A 216 3.79 -17.95 6.71
C LEU A 216 4.77 -17.35 5.71
N ASN A 217 4.82 -16.02 5.64
CA ASN A 217 5.70 -15.33 4.72
C ASN A 217 7.14 -15.74 4.99
N GLN A 218 7.51 -15.74 6.27
CA GLN A 218 8.85 -16.12 6.65
C GLN A 218 9.12 -17.55 6.26
N ILE A 219 8.14 -18.43 6.47
CA ILE A 219 8.35 -19.85 6.27
C ILE A 219 8.42 -20.18 4.78
N LEU A 220 7.95 -19.28 3.93
CA LEU A 220 7.78 -19.79 2.58
C LEU A 220 9.09 -20.15 1.86
N PRO A 221 10.07 -19.24 1.65
CA PRO A 221 11.33 -19.71 1.02
C PRO A 221 12.01 -20.78 1.88
N GLU A 222 11.67 -20.72 3.15
CA GLU A 222 12.04 -21.82 4.02
C GLU A 222 11.42 -23.12 3.57
N ILE A 223 10.52 -23.14 2.58
CA ILE A 223 10.07 -24.38 1.98
C ILE A 223 11.18 -25.03 1.18
N ARG A 224 11.90 -24.25 0.37
CA ARG A 224 13.07 -24.81 -0.28
C ARG A 224 14.07 -25.24 0.76
N LEU A 225 14.25 -24.42 1.80
CA LEU A 225 15.25 -24.77 2.79
C LEU A 225 14.89 -26.08 3.49
N VAL A 226 13.63 -26.24 3.89
CA VAL A 226 13.21 -27.43 4.62
C VAL A 226 13.13 -28.66 3.71
N LYS A 227 12.69 -28.50 2.46
CA LYS A 227 12.73 -29.63 1.54
C LYS A 227 14.16 -30.11 1.38
N ALA A 228 15.12 -29.20 1.45
CA ALA A 228 16.49 -29.63 1.61
C ALA A 228 16.68 -30.33 2.96
N SER A 229 16.06 -29.80 3.99
CA SER A 229 16.36 -30.20 5.36
C SER A 229 15.45 -31.28 5.92
N ASN A 230 14.41 -31.68 5.19
CA ASN A 230 13.56 -32.82 5.51
C ASN A 230 12.78 -32.64 6.81
N ALA A 231 12.57 -31.40 7.28
CA ALA A 231 11.85 -31.19 8.53
C ALA A 231 10.40 -30.82 8.23
N GLU A 232 9.87 -31.40 7.15
CA GLU A 232 8.51 -31.09 6.72
C GLU A 232 7.51 -31.31 7.85
N ASP A 233 7.66 -32.39 8.61
CA ASP A 233 6.75 -32.61 9.73
C ASP A 233 6.93 -31.54 10.79
N VAL A 234 8.18 -31.11 11.01
CA VAL A 234 8.44 -30.05 11.98
C VAL A 234 7.66 -28.80 11.59
N GLU A 235 7.75 -28.41 10.33
CA GLU A 235 7.06 -27.20 9.94
C GLU A 235 5.55 -27.39 9.89
N TYR A 236 5.08 -28.59 9.56
CA TYR A 236 3.66 -28.87 9.66
C TYR A 236 3.16 -28.61 11.06
N GLY A 237 3.93 -29.08 12.05
CA GLY A 237 3.60 -28.81 13.43
C GLY A 237 3.59 -27.33 13.73
N ARG A 238 4.60 -26.62 13.23
CA ARG A 238 4.67 -25.18 13.47
C ARG A 238 3.40 -24.50 12.99
N GLY A 239 3.00 -24.82 11.76
CA GLY A 239 1.78 -24.27 11.23
C GLY A 239 0.56 -24.66 12.06
N LYS A 240 0.54 -25.89 12.58
CA LYS A 240 -0.63 -26.30 13.33
C LYS A 240 -0.72 -25.54 14.65
N MET A 241 0.41 -25.28 15.31
CA MET A 241 0.35 -24.42 16.50
C MET A 241 -0.09 -23.01 16.15
N GLY A 242 0.37 -22.49 15.01
CA GLY A 242 -0.11 -21.18 14.60
C GLY A 242 -1.61 -21.15 14.41
N ILE A 243 -2.13 -22.15 13.70
CA ILE A 243 -3.57 -22.25 13.48
C ILE A 243 -4.30 -22.40 14.80
N SER A 244 -3.74 -23.20 15.71
CA SER A 244 -4.38 -23.41 17.00
C SER A 244 -4.48 -22.11 17.77
N SER A 245 -3.42 -21.29 17.71
CA SER A 245 -3.48 -19.98 18.35
C SER A 245 -4.58 -19.14 17.74
N LEU A 246 -4.67 -19.13 16.40
CA LEU A 246 -5.73 -18.37 15.75
C LEU A 246 -7.11 -18.87 16.16
N PHE A 247 -7.25 -20.19 16.29
CA PHE A 247 -8.51 -20.78 16.70
C PHE A 247 -8.87 -20.37 18.13
N LYS A 248 -7.87 -20.38 19.01
CA LYS A 248 -8.08 -19.90 20.37
C LYS A 248 -8.63 -18.49 20.34
N LEU A 249 -7.98 -17.60 19.60
CA LEU A 249 -8.43 -16.22 19.58
C LEU A 249 -9.81 -16.12 18.97
N GLY A 250 -10.07 -16.96 17.98
CA GLY A 250 -11.38 -16.95 17.35
C GLY A 250 -12.49 -17.31 18.33
N VAL A 251 -12.20 -18.20 19.27
CA VAL A 251 -13.20 -18.50 20.27
C VAL A 251 -13.59 -17.25 21.06
N ARG A 252 -12.59 -16.48 21.49
CA ARG A 252 -12.88 -15.25 22.23
C ARG A 252 -13.64 -14.26 21.37
N GLU A 253 -13.21 -14.11 20.12
CA GLU A 253 -13.92 -13.23 19.20
C GLU A 253 -15.38 -13.67 19.08
N ALA A 254 -15.60 -14.98 19.03
CA ALA A 254 -16.93 -15.52 18.89
C ALA A 254 -17.78 -15.18 20.11
N LYS A 255 -17.25 -15.43 21.30
CA LYS A 255 -18.02 -15.14 22.50
C LYS A 255 -18.39 -13.67 22.55
N VAL A 256 -17.43 -12.80 22.26
CA VAL A 256 -17.71 -11.37 22.34
C VAL A 256 -18.77 -10.98 21.32
N GLN A 257 -18.66 -11.50 20.09
CA GLN A 257 -19.64 -11.15 19.07
C GLN A 257 -21.02 -11.61 19.49
N SER A 258 -21.10 -12.83 20.02
CA SER A 258 -22.37 -13.38 20.43
C SER A 258 -22.98 -12.54 21.54
N LEU A 259 -22.15 -12.10 22.48
CA LEU A 259 -22.70 -11.26 23.53
C LEU A 259 -23.19 -9.94 22.96
N VAL A 260 -22.37 -9.30 22.13
CA VAL A 260 -22.64 -7.91 21.78
C VAL A 260 -23.85 -7.80 20.86
N GLY A 261 -23.96 -8.70 19.89
CA GLY A 261 -24.97 -8.56 18.87
C GLY A 261 -26.38 -8.51 19.41
N PRO A 262 -26.81 -9.59 20.01
CA PRO A 262 -28.15 -9.65 20.58
C PRO A 262 -28.43 -8.52 21.55
N LEU A 263 -27.44 -8.11 22.33
CA LEU A 263 -27.66 -6.96 23.21
C LEU A 263 -27.95 -5.70 22.40
N ILE A 264 -27.22 -5.48 21.30
CA ILE A 264 -27.49 -4.33 20.46
C ILE A 264 -28.92 -4.38 19.94
N SER A 265 -29.30 -5.53 19.38
CA SER A 265 -30.63 -5.65 18.81
C SER A 265 -31.69 -5.44 19.88
N LEU A 266 -31.49 -6.08 21.03
CA LEU A 266 -32.36 -5.93 22.19
C LEU A 266 -32.60 -4.46 22.49
N VAL A 267 -31.54 -3.74 22.84
CA VAL A 267 -31.71 -2.38 23.32
C VAL A 267 -32.36 -1.51 22.24
N LEU A 268 -31.82 -1.57 21.01
CA LEU A 268 -32.33 -0.69 19.98
C LEU A 268 -33.81 -0.94 19.72
N MET A 269 -34.16 -2.19 19.38
CA MET A 269 -35.54 -2.48 19.02
C MET A 269 -36.47 -2.23 20.20
N ALA A 270 -36.08 -2.65 21.40
CA ALA A 270 -36.96 -2.49 22.55
C ALA A 270 -37.20 -1.03 22.85
N ALA A 271 -36.15 -0.20 22.77
CA ALA A 271 -36.34 1.22 23.04
C ALA A 271 -37.23 1.86 21.99
N LEU A 272 -37.08 1.47 20.73
CA LEU A 272 -37.96 2.00 19.69
C LEU A 272 -39.40 1.58 19.96
N VAL A 273 -39.59 0.35 20.41
CA VAL A 273 -40.91 -0.10 20.85
C VAL A 273 -41.44 0.84 21.92
N ALA A 274 -40.61 1.11 22.91
CA ALA A 274 -41.00 2.00 23.99
C ALA A 274 -41.53 3.31 23.42
N VAL A 275 -40.75 3.93 22.53
CA VAL A 275 -41.11 5.25 22.04
C VAL A 275 -42.42 5.22 21.28
N ILE A 276 -42.45 4.48 20.18
CA ILE A 276 -43.62 4.59 19.32
C ILE A 276 -44.84 3.95 19.98
N GLY A 277 -44.65 2.92 20.79
CA GLY A 277 -45.75 2.34 21.52
C GLY A 277 -46.31 3.28 22.56
N TYR A 278 -45.47 4.09 23.20
CA TYR A 278 -46.01 5.10 24.08
C TYR A 278 -46.82 6.11 23.29
N GLY A 279 -46.34 6.44 22.08
CA GLY A 279 -47.14 7.26 21.20
C GLY A 279 -48.51 6.65 20.94
N GLY A 280 -48.54 5.36 20.63
CA GLY A 280 -49.81 4.71 20.36
C GLY A 280 -50.69 4.62 21.59
N MET A 281 -50.08 4.36 22.75
CA MET A 281 -50.79 4.38 24.02
C MET A 281 -51.50 5.71 24.21
N GLN A 282 -50.79 6.81 23.93
CA GLN A 282 -51.39 8.13 24.03
C GLN A 282 -52.50 8.30 22.99
N VAL A 283 -52.28 7.76 21.79
CA VAL A 283 -53.23 7.95 20.70
C VAL A 283 -54.56 7.32 21.08
N SER A 284 -54.52 6.09 21.55
CA SER A 284 -55.74 5.45 22.00
C SER A 284 -56.22 6.06 23.32
N SER A 285 -55.35 6.78 24.02
CA SER A 285 -55.78 7.48 25.22
C SER A 285 -56.67 8.69 24.97
N GLY A 286 -56.73 9.16 23.72
CA GLY A 286 -57.40 10.40 23.42
C GLY A 286 -56.75 11.48 24.25
N GLU A 287 -55.46 11.73 24.06
CA GLU A 287 -54.77 12.82 24.73
C GLU A 287 -54.44 14.12 23.97
N LEU A 288 -53.43 14.06 23.10
CA LEU A 288 -53.05 15.25 22.32
C LEU A 288 -52.30 14.27 21.44
N THR A 289 -52.86 13.95 20.27
CA THR A 289 -52.37 12.88 19.39
C THR A 289 -52.86 13.01 17.95
N ALA A 290 -52.82 11.87 17.25
CA ALA A 290 -53.14 11.69 15.84
C ALA A 290 -52.29 12.05 14.63
N GLY A 291 -51.90 13.32 14.52
CA GLY A 291 -51.08 13.72 13.39
C GLY A 291 -49.84 14.06 14.17
N ALA A 292 -50.01 14.45 15.44
CA ALA A 292 -48.84 14.68 16.28
C ALA A 292 -47.91 13.49 16.25
N LEU A 293 -48.44 12.28 16.42
CA LEU A 293 -47.63 11.09 16.20
C LEU A 293 -46.91 11.18 14.87
N VAL A 294 -47.67 11.30 13.79
CA VAL A 294 -47.08 11.60 12.50
C VAL A 294 -46.11 12.76 12.40
N ALA A 295 -46.22 13.70 13.35
CA ALA A 295 -45.39 14.89 13.30
C ALA A 295 -44.14 14.41 14.02
N PHE A 296 -44.31 13.82 15.20
CA PHE A 296 -43.16 13.42 16.00
C PHE A 296 -42.24 12.54 15.16
N ILE A 297 -42.83 11.56 14.45
CA ILE A 297 -42.02 10.63 13.69
C ILE A 297 -41.12 11.39 12.73
N LEU A 298 -41.69 12.32 11.97
CA LEU A 298 -40.87 13.07 11.02
C LEU A 298 -39.74 13.78 11.75
N TYR A 299 -40.08 14.53 12.80
CA TYR A 299 -39.04 15.19 13.57
C TYR A 299 -37.98 14.23 14.05
N LEU A 300 -38.37 13.04 14.47
CA LEU A 300 -37.35 12.14 14.97
C LEU A 300 -36.33 11.82 13.88
N PHE A 301 -36.80 11.58 12.65
CA PHE A 301 -35.84 11.35 11.58
C PHE A 301 -35.08 12.62 11.26
N GLN A 302 -35.72 13.77 11.43
CA GLN A 302 -35.01 15.02 11.28
C GLN A 302 -33.82 15.13 12.19
N ILE A 303 -33.75 14.28 13.23
CA ILE A 303 -32.55 14.24 14.06
C ILE A 303 -31.42 13.37 13.55
N ILE A 304 -31.75 12.24 12.91
CA ILE A 304 -30.71 11.26 12.61
C ILE A 304 -29.75 11.79 11.55
N MET A 305 -30.30 12.38 10.48
CA MET A 305 -29.42 12.95 9.47
C MET A 305 -28.50 14.01 10.06
N PRO A 306 -28.97 15.00 10.84
CA PRO A 306 -28.02 15.97 11.39
C PRO A 306 -27.05 15.35 12.36
N MET A 307 -27.53 14.49 13.27
CA MET A 307 -26.73 14.10 14.44
C MET A 307 -25.32 13.70 14.06
N GLY A 308 -25.19 12.69 13.19
CA GLY A 308 -23.86 12.20 12.86
C GLY A 308 -22.94 13.27 12.31
N GLN A 309 -23.50 14.17 11.51
CA GLN A 309 -22.71 15.28 10.98
C GLN A 309 -22.00 16.03 12.08
N ILE A 310 -22.72 16.36 13.17
CA ILE A 310 -22.06 17.00 14.31
C ILE A 310 -20.80 16.24 14.67
N THR A 311 -20.93 14.94 14.92
CA THR A 311 -19.77 14.13 15.27
C THR A 311 -18.65 14.32 14.26
N THR A 312 -19.00 14.24 12.97
CA THR A 312 -17.97 14.40 11.94
C THR A 312 -17.25 15.73 12.10
N PHE A 313 -18.01 16.82 12.22
CA PHE A 313 -17.38 18.13 12.34
C PHE A 313 -16.50 18.18 13.56
N PHE A 314 -16.89 17.47 14.61
CA PHE A 314 -16.19 17.63 15.87
C PHE A 314 -14.85 16.92 15.76
N THR A 315 -14.67 16.07 14.74
CA THR A 315 -13.39 15.44 14.50
C THR A 315 -12.55 16.15 13.44
N GLN A 316 -13.05 16.17 12.20
CA GLN A 316 -12.24 16.62 11.07
C GLN A 316 -11.58 17.95 11.33
N LEU A 317 -12.29 18.88 11.97
CA LEU A 317 -11.74 20.18 12.30
C LEU A 317 -10.32 20.06 12.82
N GLN A 318 -10.15 19.37 13.95
CA GLN A 318 -8.81 19.32 14.54
C GLN A 318 -7.83 18.70 13.58
N LYS A 319 -8.24 17.63 12.88
CA LYS A 319 -7.41 17.11 11.81
C LYS A 319 -6.95 18.24 10.91
N SER A 320 -7.89 18.90 10.25
CA SER A 320 -7.54 19.98 9.36
C SER A 320 -6.77 21.08 10.05
N ILE A 321 -7.03 21.33 11.33
CA ILE A 321 -6.36 22.46 11.95
C ILE A 321 -4.87 22.19 12.01
N GLY A 322 -4.49 20.93 12.24
CA GLY A 322 -3.09 20.58 12.13
C GLY A 322 -2.58 20.78 10.72
N ALA A 323 -3.34 20.29 9.74
CA ALA A 323 -3.06 20.62 8.36
C ALA A 323 -2.95 22.12 8.20
N THR A 324 -3.86 22.87 8.82
CA THR A 324 -3.76 24.32 8.79
C THR A 324 -2.39 24.76 9.25
N GLU A 325 -1.97 24.30 10.43
CA GLU A 325 -0.62 24.57 10.90
C GLU A 325 0.39 24.18 9.84
N ARG A 326 0.27 22.95 9.34
CA ARG A 326 1.21 22.48 8.32
C ARG A 326 1.28 23.48 7.17
N MET A 327 0.13 23.95 6.72
CA MET A 327 0.10 24.94 5.65
C MET A 327 0.98 26.13 5.97
N ILE A 328 0.74 26.77 7.11
CA ILE A 328 1.48 27.99 7.40
C ILE A 328 2.96 27.69 7.47
N GLU A 329 3.30 26.48 7.92
CA GLU A 329 4.71 26.12 8.02
C GLU A 329 5.38 26.22 6.67
N ILE A 330 4.74 25.65 5.64
CA ILE A 330 5.29 25.76 4.31
C ILE A 330 5.26 27.21 3.85
N LEU A 331 4.18 27.91 4.20
CA LEU A 331 4.11 29.33 3.87
C LEU A 331 5.12 30.12 4.67
N ALA A 332 5.59 29.56 5.78
CA ALA A 332 6.49 30.31 6.65
C ALA A 332 7.80 30.60 5.95
N GLU A 333 8.33 29.65 5.19
CA GLU A 333 9.67 29.79 4.67
C GLU A 333 9.72 30.89 3.61
N GLU A 334 10.78 31.67 3.65
CA GLU A 334 11.02 32.77 2.72
C GLU A 334 12.44 32.65 2.18
N GLU A 335 12.69 33.32 1.05
CA GLU A 335 13.97 33.18 0.35
C GLU A 335 14.19 34.34 -0.61
N GLU A 336 15.28 34.33 -1.37
CA GLU A 336 15.66 35.50 -2.16
C GLU A 336 16.08 35.14 -3.59
N ASP A 337 15.93 36.10 -4.50
CA ASP A 337 16.24 35.93 -5.90
C ASP A 337 17.05 36.72 -6.93
N THR A 338 16.43 37.77 -7.49
CA THR A 338 16.96 38.56 -8.60
C THR A 338 16.57 39.93 -8.06
N VAL A 339 16.02 40.02 -6.85
CA VAL A 339 15.72 41.31 -6.24
C VAL A 339 17.03 41.65 -5.52
N THR A 340 17.93 40.67 -5.41
CA THR A 340 19.25 40.91 -4.83
C THR A 340 19.98 42.05 -5.54
N GLY A 341 19.98 42.01 -6.87
CA GLY A 341 20.66 43.04 -7.64
C GLY A 341 20.96 42.61 -9.06
N LYS A 342 21.98 43.20 -9.68
CA LYS A 342 22.41 42.78 -11.01
C LYS A 342 23.82 43.30 -11.31
N GLN A 343 24.79 42.41 -11.41
CA GLN A 343 26.13 42.84 -11.75
C GLN A 343 26.86 41.87 -12.69
N ILE A 344 26.17 40.87 -13.24
CA ILE A 344 26.84 39.91 -14.10
C ILE A 344 26.96 40.01 -15.62
N GLU A 345 28.14 40.41 -16.09
CA GLU A 345 28.40 40.53 -17.52
C GLU A 345 29.52 40.01 -18.44
N ASN A 346 30.60 39.46 -17.90
CA ASN A 346 31.66 38.92 -18.74
C ASN A 346 31.75 37.55 -18.07
N ALA A 347 31.52 37.51 -16.76
CA ALA A 347 31.60 36.29 -15.97
C ALA A 347 32.74 35.36 -16.38
N HIS A 348 33.93 35.97 -16.47
CA HIS A 348 35.13 35.23 -16.82
C HIS A 348 36.32 35.64 -15.96
N LEU A 349 36.13 35.67 -14.64
CA LEU A 349 37.20 36.03 -13.73
C LEU A 349 37.49 34.85 -12.82
N PRO A 350 38.74 34.64 -12.38
CA PRO A 350 39.06 33.52 -11.50
C PRO A 350 38.21 33.47 -10.23
N ILE A 351 37.70 32.28 -9.90
CA ILE A 351 36.92 32.09 -8.68
C ILE A 351 37.85 31.76 -7.52
N GLN A 352 37.52 32.32 -6.35
CA GLN A 352 38.30 32.20 -5.14
C GLN A 352 37.44 31.63 -4.03
N LEU A 353 37.95 30.62 -3.33
CA LEU A 353 37.34 30.06 -2.14
C LEU A 353 38.18 30.48 -0.95
N ASP A 354 37.66 31.39 -0.14
CA ASP A 354 38.43 32.03 0.93
C ASP A 354 37.82 31.64 2.28
N ARG A 355 38.51 30.76 3.00
CA ARG A 355 38.10 30.33 4.34
C ARG A 355 36.67 29.82 4.36
N VAL A 356 36.27 29.16 3.28
CA VAL A 356 34.89 28.73 3.09
C VAL A 356 34.54 27.70 4.16
N SER A 357 33.67 28.09 5.10
CA SER A 357 33.37 27.29 6.29
C SER A 357 31.87 27.37 6.58
N PHE A 358 31.11 26.45 6.01
CA PHE A 358 29.71 26.27 6.39
C PHE A 358 29.17 24.94 5.88
N GLY A 359 28.83 24.03 6.79
CA GLY A 359 28.23 22.77 6.41
C GLY A 359 26.76 22.93 6.12
N TYR A 360 26.00 21.86 6.36
CA TYR A 360 24.55 21.96 6.25
C TYR A 360 23.98 22.91 7.29
N LYS A 361 24.68 23.07 8.41
CA LYS A 361 24.28 23.94 9.51
C LYS A 361 25.54 24.40 10.20
N PRO A 362 25.56 25.64 10.74
CA PRO A 362 26.78 26.11 11.43
C PRO A 362 27.24 25.19 12.54
N ASP A 363 26.30 24.58 13.26
CA ASP A 363 26.66 23.66 14.33
C ASP A 363 27.25 22.37 13.78
N GLN A 364 26.72 21.87 12.66
CA GLN A 364 27.23 20.63 12.09
C GLN A 364 28.66 20.78 11.63
N LEU A 365 28.99 21.90 10.99
CA LEU A 365 30.36 22.20 10.54
C LEU A 365 30.89 21.10 9.63
N ILE A 366 30.08 20.67 8.67
CA ILE A 366 30.55 19.76 7.64
C ILE A 366 31.66 20.37 6.80
N LEU A 367 31.63 21.69 6.64
CA LEU A 367 32.62 22.41 5.86
C LEU A 367 33.45 23.29 6.79
N LYS A 368 34.77 23.29 6.59
CA LYS A 368 35.68 24.03 7.45
C LYS A 368 36.73 24.74 6.60
N GLU A 369 36.67 26.07 6.59
CA GLU A 369 37.70 26.99 6.09
C GLU A 369 38.43 26.50 4.85
N VAL A 370 37.70 26.00 3.85
CA VAL A 370 38.33 25.52 2.63
C VAL A 370 38.68 26.70 1.75
N SER A 371 39.92 26.73 1.26
CA SER A 371 40.40 27.80 0.40
C SER A 371 41.02 27.19 -0.86
N ALA A 372 40.64 27.72 -2.02
CA ALA A 372 41.16 27.22 -3.29
C ALA A 372 41.09 28.34 -4.33
N VAL A 373 41.83 28.14 -5.42
CA VAL A 373 41.92 29.12 -6.49
C VAL A 373 41.64 28.43 -7.81
N ILE A 374 40.87 29.10 -8.68
CA ILE A 374 40.63 28.59 -10.03
C ILE A 374 40.69 29.77 -10.99
N GLU A 375 41.65 29.76 -11.92
CA GLU A 375 41.79 30.89 -12.82
C GLU A 375 40.78 30.78 -13.97
N ALA A 376 40.59 31.87 -14.70
CA ALA A 376 39.55 31.97 -15.71
C ALA A 376 39.86 31.08 -16.91
N GLY A 377 38.88 30.28 -17.32
CA GLY A 377 39.04 29.41 -18.47
C GLY A 377 39.75 28.11 -18.19
N LYS A 378 40.35 27.95 -17.00
CA LYS A 378 41.07 26.74 -16.67
C LYS A 378 40.08 25.62 -16.38
N VAL A 379 40.36 24.42 -16.89
CA VAL A 379 39.57 23.25 -16.57
C VAL A 379 39.82 22.94 -15.10
N THR A 380 38.82 22.36 -14.44
CA THR A 380 38.96 22.03 -13.02
C THR A 380 38.37 20.64 -12.76
N ALA A 381 39.10 19.84 -11.99
CA ALA A 381 38.66 18.51 -11.61
C ALA A 381 38.80 18.36 -10.10
N ILE A 382 37.77 17.80 -9.47
CA ILE A 382 37.73 17.63 -8.03
C ILE A 382 37.66 16.15 -7.73
N VAL A 383 38.53 15.68 -6.84
CA VAL A 383 38.57 14.28 -6.41
C VAL A 383 37.93 14.22 -5.03
N GLY A 384 36.96 13.32 -4.87
CA GLY A 384 36.24 13.22 -3.62
C GLY A 384 36.05 11.78 -3.17
N PRO A 385 36.08 11.57 -1.85
CA PRO A 385 35.79 10.25 -1.31
C PRO A 385 34.30 10.08 -1.03
N SER A 386 33.87 8.86 -0.73
CA SER A 386 32.46 8.62 -0.47
C SER A 386 31.98 9.38 0.75
N GLY A 387 32.76 9.38 1.82
CA GLY A 387 32.38 10.03 3.05
C GLY A 387 32.81 11.49 3.14
N GLY A 388 33.57 11.95 2.15
CA GLY A 388 34.03 13.33 2.17
C GLY A 388 32.90 14.30 1.90
N GLY A 389 33.16 15.57 2.19
CA GLY A 389 32.17 16.62 2.00
C GLY A 389 32.55 16.98 0.57
N LYS A 390 31.97 16.26 -0.39
CA LYS A 390 32.29 16.44 -1.81
C LYS A 390 30.91 16.89 -2.30
N THR A 391 29.85 16.22 -1.83
CA THR A 391 28.52 16.58 -2.30
C THR A 391 28.15 17.99 -1.87
N THR A 392 28.32 18.30 -0.59
CA THR A 392 28.06 19.64 -0.10
C THR A 392 28.95 20.67 -0.77
N LEU A 393 30.20 20.32 -1.05
CA LEU A 393 31.08 21.22 -1.78
C LEU A 393 30.49 21.55 -3.15
N PHE A 394 30.01 20.53 -3.86
CA PHE A 394 29.43 20.79 -5.17
C PHE A 394 28.16 21.63 -5.04
N LYS A 395 27.36 21.36 -4.02
CA LYS A 395 26.11 22.10 -3.82
C LYS A 395 26.39 23.57 -3.53
N LEU A 396 27.43 23.86 -2.75
CA LEU A 396 27.77 25.25 -2.45
C LEU A 396 28.44 25.92 -3.64
N LEU A 397 29.12 25.16 -4.50
CA LEU A 397 29.52 25.71 -5.79
C LEU A 397 28.31 26.03 -6.63
N GLU A 398 27.24 25.23 -6.51
CA GLU A 398 25.97 25.58 -7.11
C GLU A 398 25.39 26.81 -6.43
N ARG A 399 25.98 27.18 -5.30
CA ARG A 399 25.54 28.30 -4.47
C ARG A 399 24.14 28.04 -3.94
N PHE A 400 23.79 26.76 -3.80
CA PHE A 400 22.58 26.40 -3.06
C PHE A 400 22.78 26.41 -1.56
N TYR A 401 24.01 26.37 -1.09
CA TYR A 401 24.28 26.38 0.34
C TYR A 401 24.82 27.77 0.68
N SER A 402 23.99 28.56 1.36
CA SER A 402 24.29 29.97 1.55
C SER A 402 25.55 30.13 2.38
N PRO A 403 26.55 30.86 1.89
CA PRO A 403 27.74 31.12 2.70
C PRO A 403 27.40 31.97 3.92
N THR A 404 27.92 31.53 5.06
CA THR A 404 27.69 32.22 6.31
C THR A 404 29.00 32.78 6.85
N ALA A 405 30.00 31.91 7.00
CA ALA A 405 31.29 32.35 7.49
C ALA A 405 32.28 32.55 6.35
N GLY A 406 32.44 31.53 5.51
CA GLY A 406 33.39 31.60 4.42
C GLY A 406 32.91 32.47 3.28
N THR A 407 33.82 32.70 2.34
CA THR A 407 33.54 33.58 1.20
C THR A 407 33.91 32.89 -0.10
N ILE A 408 32.95 32.82 -1.02
CA ILE A 408 33.18 32.37 -2.39
C ILE A 408 33.01 33.60 -3.27
N ARG A 409 34.06 33.95 -4.02
CA ARG A 409 34.04 35.23 -4.70
C ARG A 409 34.93 35.20 -5.95
N LEU A 410 34.32 35.47 -7.09
CA LEU A 410 35.04 35.89 -8.27
C LEU A 410 34.63 37.32 -8.59
N GLY A 411 35.59 38.19 -8.91
CA GLY A 411 35.28 39.60 -9.05
C GLY A 411 35.29 40.37 -7.75
N ASP A 412 36.03 39.89 -6.74
CA ASP A 412 36.23 40.58 -5.48
C ASP A 412 34.91 40.76 -4.71
N GLU A 413 34.32 39.63 -4.36
CA GLU A 413 33.07 39.53 -3.60
C GLU A 413 31.92 40.35 -4.16
N PRO A 414 31.50 40.11 -5.42
CA PRO A 414 30.16 40.52 -5.83
C PRO A 414 29.14 39.39 -5.70
N VAL A 415 29.63 38.18 -5.39
CA VAL A 415 28.78 37.00 -5.28
C VAL A 415 27.60 37.29 -4.36
N ASP A 416 27.84 38.08 -3.33
CA ASP A 416 26.80 38.47 -2.38
C ASP A 416 26.13 39.79 -2.75
N THR A 417 26.49 40.39 -3.88
CA THR A 417 25.83 41.62 -4.30
C THR A 417 24.97 41.38 -5.53
N TYR A 418 25.55 40.82 -6.59
CA TYR A 418 24.77 40.59 -7.80
C TYR A 418 23.73 39.49 -7.56
N SER A 419 22.78 39.42 -8.48
CA SER A 419 21.71 38.43 -8.36
C SER A 419 22.24 37.04 -8.66
N LEU A 420 21.83 36.08 -7.83
CA LEU A 420 22.29 34.71 -7.97
C LEU A 420 21.87 34.10 -9.29
N GLU A 421 20.60 34.30 -9.68
CA GLU A 421 20.13 33.72 -10.93
C GLU A 421 20.90 34.27 -12.12
N SER A 422 21.47 35.47 -12.00
CA SER A 422 22.26 36.03 -13.09
C SER A 422 23.51 35.20 -13.35
N TRP A 423 24.27 34.96 -12.29
CA TRP A 423 25.37 34.00 -12.38
C TRP A 423 24.84 32.66 -12.87
N ARG A 424 23.58 32.37 -12.59
CA ARG A 424 23.04 31.04 -12.89
C ARG A 424 22.77 30.86 -14.37
N GLU A 425 22.32 31.90 -15.08
CA GLU A 425 22.29 31.72 -16.53
C GLU A 425 23.70 31.80 -17.08
N HIS A 426 24.55 32.58 -16.44
CA HIS A 426 25.92 32.65 -16.91
C HIS A 426 26.66 31.34 -16.68
N ILE A 427 26.08 30.42 -15.92
CA ILE A 427 26.65 29.09 -15.78
C ILE A 427 25.73 28.07 -16.44
N GLY A 428 26.27 26.88 -16.68
CA GLY A 428 25.49 25.77 -17.20
C GLY A 428 25.80 24.49 -16.46
N TYR A 429 24.81 23.62 -16.28
CA TYR A 429 25.02 22.41 -15.49
C TYR A 429 24.26 21.24 -16.10
N VAL A 430 24.79 20.04 -15.87
CA VAL A 430 24.12 18.79 -16.18
C VAL A 430 24.58 17.77 -15.13
N SER A 431 23.65 16.95 -14.65
CA SER A 431 23.96 16.03 -13.56
C SER A 431 24.38 14.66 -14.06
N GLN A 432 24.63 13.73 -13.15
CA GLN A 432 24.99 12.36 -13.50
C GLN A 432 23.87 11.68 -14.28
N GLU A 433 22.72 11.47 -13.64
CA GLU A 433 21.60 10.84 -14.32
C GLU A 433 21.09 11.70 -15.46
N SER A 434 20.98 13.00 -15.22
CA SER A 434 20.58 13.97 -16.24
C SER A 434 19.22 13.63 -16.87
N PRO A 435 18.15 13.59 -16.07
CA PRO A 435 16.82 13.39 -16.67
C PRO A 435 16.35 14.64 -17.38
N LEU A 436 15.12 14.63 -17.87
CA LEU A 436 14.61 15.72 -18.69
C LEU A 436 13.17 16.01 -18.32
N MET A 437 12.75 17.22 -18.63
CA MET A 437 11.39 17.66 -18.33
C MET A 437 10.39 16.85 -19.12
N SER A 438 9.27 16.49 -18.48
CA SER A 438 8.23 15.72 -19.14
C SER A 438 7.74 16.43 -20.39
N GLY A 439 7.60 15.68 -21.48
CA GLY A 439 7.16 16.26 -22.73
C GLY A 439 7.95 15.80 -23.94
N THR A 440 8.56 16.75 -24.64
CA THR A 440 9.18 16.49 -25.92
C THR A 440 10.56 17.15 -25.97
N ILE A 441 11.10 17.20 -27.19
CA ILE A 441 12.34 17.95 -27.42
C ILE A 441 12.14 19.40 -27.06
N ARG A 442 10.92 19.91 -27.23
CA ARG A 442 10.64 21.32 -26.98
C ARG A 442 10.92 21.68 -25.53
N GLU A 443 10.80 20.72 -24.61
CA GLU A 443 11.08 20.97 -23.21
C GLU A 443 12.46 21.59 -23.04
N ASN A 444 13.49 20.82 -23.41
CA ASN A 444 14.86 21.26 -23.19
C ASN A 444 15.15 22.55 -23.96
N ILE A 445 14.83 22.58 -25.25
CA ILE A 445 15.26 23.69 -26.10
C ILE A 445 14.55 24.98 -25.70
N CYS A 446 13.27 24.89 -25.35
CA CYS A 446 12.55 26.08 -24.92
C CYS A 446 12.97 26.51 -23.53
N TYR A 447 13.43 25.58 -22.70
CA TYR A 447 14.03 25.97 -21.44
C TYR A 447 15.30 26.77 -21.66
N GLY A 448 15.88 26.65 -22.86
CA GLY A 448 17.02 27.46 -23.23
C GLY A 448 16.62 28.84 -23.70
N LEU A 449 15.60 29.43 -23.05
CA LEU A 449 15.12 30.75 -23.38
C LEU A 449 15.28 31.67 -22.20
N GLU A 450 15.78 32.88 -22.47
CA GLU A 450 16.04 33.91 -21.46
C GLU A 450 15.50 35.24 -22.01
N ARG A 451 14.27 35.19 -22.52
CA ARG A 451 13.60 36.30 -23.22
C ARG A 451 14.16 36.50 -24.61
N ASP A 452 15.25 35.78 -24.94
CA ASP A 452 15.81 35.88 -26.28
C ASP A 452 14.82 35.21 -27.22
N VAL A 453 14.32 34.04 -26.85
CA VAL A 453 13.37 33.23 -27.64
C VAL A 453 14.20 32.48 -28.67
N THR A 454 15.51 32.76 -28.72
CA THR A 454 16.44 32.09 -29.62
C THR A 454 15.94 31.77 -31.02
N ASP A 455 15.03 32.61 -31.52
CA ASP A 455 14.43 32.58 -32.86
C ASP A 455 14.10 31.15 -33.28
N ALA A 456 14.61 30.72 -34.45
CA ALA A 456 14.37 29.39 -34.97
C ALA A 456 15.67 28.67 -35.31
N GLU A 457 16.77 29.09 -34.70
CA GLU A 457 18.07 28.48 -34.89
C GLU A 457 18.35 27.38 -33.88
N ILE A 458 17.36 27.04 -33.06
CA ILE A 458 17.56 26.06 -31.99
C ILE A 458 18.02 24.73 -32.56
N GLU A 459 17.36 24.27 -33.63
CA GLU A 459 17.76 23.01 -34.25
C GLU A 459 19.12 23.13 -34.93
N LYS A 460 19.37 24.25 -35.62
CA LYS A 460 20.67 24.44 -36.24
C LYS A 460 21.78 24.50 -35.19
N ALA A 461 21.52 25.19 -34.08
CA ALA A 461 22.50 25.21 -33.00
C ALA A 461 22.75 23.81 -32.46
N ALA A 462 21.67 23.03 -32.28
CA ALA A 462 21.83 21.65 -31.83
C ALA A 462 22.70 20.86 -32.80
N GLU A 463 22.50 21.08 -34.09
CA GLU A 463 23.38 20.49 -35.10
C GLU A 463 24.83 20.91 -34.85
N MET A 464 25.05 22.20 -34.57
CA MET A 464 26.39 22.69 -34.28
C MET A 464 26.99 21.95 -33.09
N ALA A 465 26.16 21.65 -32.10
CA ALA A 465 26.62 20.98 -30.89
C ALA A 465 26.48 19.47 -31.00
N TYR A 466 26.45 18.94 -32.22
CA TYR A 466 26.34 17.50 -32.46
C TYR A 466 25.08 16.93 -31.79
N ALA A 467 23.97 17.67 -31.83
CA ALA A 467 22.73 17.19 -31.26
C ALA A 467 21.67 16.89 -32.31
N LEU A 468 21.97 17.10 -33.59
CA LEU A 468 20.93 16.82 -34.57
C LEU A 468 20.84 15.33 -34.92
N ASN A 469 21.61 14.46 -34.26
CA ASN A 469 21.48 13.03 -34.45
C ASN A 469 20.04 12.59 -34.24
N PHE A 470 19.47 12.97 -33.10
CA PHE A 470 18.12 12.54 -32.81
C PHE A 470 17.09 13.55 -33.27
N ILE A 471 17.54 14.69 -33.80
CA ILE A 471 16.65 15.52 -34.61
C ILE A 471 16.37 14.83 -35.94
N LYS A 472 17.39 14.23 -36.54
CA LYS A 472 17.21 13.52 -37.80
C LYS A 472 16.74 12.09 -37.58
N GLU A 473 16.78 11.59 -36.35
CA GLU A 473 15.95 10.43 -36.03
C GLU A 473 14.50 10.71 -36.41
N LEU A 474 14.00 11.83 -35.92
CA LEU A 474 12.74 12.44 -36.33
C LEU A 474 11.56 11.47 -36.32
N PRO A 475 11.16 10.92 -35.18
CA PRO A 475 9.79 10.42 -35.08
C PRO A 475 8.86 11.58 -35.35
N ASN A 476 9.28 12.75 -34.87
CA ASN A 476 8.74 14.05 -35.25
C ASN A 476 9.63 15.12 -34.64
N GLN A 477 9.69 16.27 -35.30
CA GLN A 477 10.56 17.35 -34.81
C GLN A 477 10.11 17.83 -33.43
N PHE A 478 8.80 17.95 -33.23
CA PHE A 478 8.28 18.46 -31.97
C PHE A 478 7.31 17.46 -31.34
N ASP A 479 6.65 16.66 -32.16
CA ASP A 479 5.60 15.78 -31.63
C ASP A 479 6.21 14.57 -30.92
N THR A 480 7.46 14.25 -31.22
CA THR A 480 8.12 13.11 -30.57
C THR A 480 8.12 13.29 -29.07
N GLU A 481 7.34 12.47 -28.37
CA GLU A 481 7.13 12.65 -26.95
C GLU A 481 7.77 11.50 -26.18
N VAL A 482 8.37 11.83 -25.03
CA VAL A 482 9.24 10.90 -24.32
C VAL A 482 8.50 10.01 -23.33
N GLY A 483 7.20 10.19 -23.15
CA GLY A 483 6.49 9.40 -22.15
C GLY A 483 6.29 10.15 -20.86
N GLU A 484 5.82 9.42 -19.85
CA GLU A 484 5.59 10.01 -18.53
C GLU A 484 6.89 10.56 -17.93
N ARG A 485 7.92 9.73 -17.86
CA ARG A 485 9.16 10.13 -17.21
C ARG A 485 10.22 10.52 -18.22
N GLY A 486 10.28 9.82 -19.35
CA GLY A 486 11.33 10.00 -20.32
C GLY A 486 12.08 8.71 -20.61
N ILE A 487 11.44 7.58 -20.34
CA ILE A 487 12.04 6.27 -20.60
C ILE A 487 12.10 5.95 -22.09
N MET A 488 11.41 6.74 -22.92
CA MET A 488 11.42 6.56 -24.36
C MET A 488 12.83 6.69 -24.90
N LEU A 489 13.70 7.37 -24.14
CA LEU A 489 15.06 7.60 -24.57
C LEU A 489 15.99 6.82 -23.64
N SER A 490 17.29 7.02 -23.79
CA SER A 490 18.29 6.34 -23.00
C SER A 490 19.21 7.37 -22.38
N GLY A 491 20.03 6.93 -21.43
CA GLY A 491 20.86 7.86 -20.68
C GLY A 491 21.76 8.68 -21.58
N GLY A 492 22.45 8.03 -22.51
CA GLY A 492 23.38 8.72 -23.37
C GLY A 492 22.77 9.80 -24.23
N GLN A 493 21.65 9.47 -24.88
CA GLN A 493 21.03 10.44 -25.78
C GLN A 493 20.38 11.58 -25.02
N ARG A 494 19.72 11.29 -23.89
CA ARG A 494 19.21 12.37 -23.06
C ARG A 494 20.34 13.28 -22.60
N GLN A 495 21.44 12.69 -22.12
CA GLN A 495 22.58 13.47 -21.67
C GLN A 495 23.09 14.36 -22.79
N ARG A 496 23.34 13.79 -23.97
CA ARG A 496 23.91 14.58 -25.05
C ARG A 496 22.98 15.69 -25.50
N ILE A 497 21.68 15.42 -25.63
CA ILE A 497 20.77 16.47 -26.10
C ILE A 497 20.71 17.60 -25.07
N ALA A 498 20.59 17.23 -23.78
CA ALA A 498 20.49 18.24 -22.74
C ALA A 498 21.77 19.06 -22.66
N ILE A 499 22.93 18.41 -22.70
CA ILE A 499 24.18 19.15 -22.59
C ILE A 499 24.36 20.05 -23.79
N ALA A 500 24.07 19.54 -24.99
CA ALA A 500 24.22 20.35 -26.19
C ALA A 500 23.37 21.60 -26.07
N ARG A 501 22.09 21.42 -25.78
CA ARG A 501 21.19 22.57 -25.73
C ARG A 501 21.60 23.55 -24.66
N ALA A 502 21.88 23.05 -23.44
CA ALA A 502 22.18 23.95 -22.34
C ALA A 502 23.50 24.66 -22.54
N LEU A 503 24.52 23.96 -23.06
CA LEU A 503 25.80 24.59 -23.32
C LEU A 503 25.67 25.67 -24.37
N LEU A 504 24.83 25.44 -25.39
CA LEU A 504 24.52 26.47 -26.36
C LEU A 504 23.85 27.66 -25.69
N ARG A 505 22.92 27.37 -24.79
CA ARG A 505 22.17 28.41 -24.10
C ARG A 505 23.07 29.28 -23.24
N ASN A 506 24.05 28.66 -22.59
CA ASN A 506 24.83 29.36 -21.59
C ASN A 506 26.33 29.23 -21.82
N PRO A 507 26.87 29.79 -22.91
CA PRO A 507 28.32 29.77 -23.07
C PRO A 507 29.32 30.67 -22.36
N SER A 508 29.34 30.61 -21.02
CA SER A 508 30.24 31.41 -20.21
C SER A 508 31.02 30.64 -19.16
N ILE A 509 30.32 30.07 -18.19
CA ILE A 509 30.91 29.16 -17.21
C ILE A 509 30.29 27.85 -17.65
N LEU A 510 30.90 26.74 -17.29
CA LEU A 510 30.46 25.45 -17.77
C LEU A 510 30.78 24.53 -16.60
N MET A 511 29.81 23.73 -16.19
CA MET A 511 29.95 23.01 -14.93
C MET A 511 29.06 21.79 -14.96
N LEU A 512 29.53 20.70 -14.33
CA LEU A 512 28.78 19.45 -14.31
C LEU A 512 29.42 18.42 -13.39
N ASP A 513 28.70 17.33 -13.14
CA ASP A 513 29.21 16.17 -12.44
C ASP A 513 29.67 15.07 -13.39
N ALA A 514 29.88 15.38 -14.66
CA ALA A 514 30.38 14.42 -15.63
C ALA A 514 29.50 13.19 -15.74
N ALA A 515 28.30 13.36 -16.31
CA ALA A 515 27.36 12.27 -16.52
C ALA A 515 28.13 11.63 -17.66
N THR A 516 29.20 10.89 -17.37
CA THR A 516 29.93 10.10 -18.35
C THR A 516 29.74 8.81 -17.57
N SER A 517 29.40 7.74 -18.31
CA SER A 517 28.93 6.49 -17.73
C SER A 517 29.33 5.33 -18.63
N SER A 518 28.61 4.22 -18.53
CA SER A 518 28.79 3.09 -19.44
C SER A 518 28.02 3.67 -20.62
N LEU A 519 28.60 4.64 -21.33
CA LEU A 519 28.00 5.24 -22.51
C LEU A 519 29.25 5.13 -23.38
N ASP A 520 30.11 4.15 -23.07
CA ASP A 520 31.31 3.83 -23.83
C ASP A 520 32.38 4.83 -24.27
N SER A 521 32.75 4.76 -25.54
CA SER A 521 33.96 5.37 -26.09
C SER A 521 33.45 6.27 -27.20
N GLN A 522 32.25 6.00 -27.73
CA GLN A 522 31.76 6.76 -28.87
C GLN A 522 31.10 7.97 -28.20
N SER A 523 30.12 7.72 -27.33
CA SER A 523 29.40 8.80 -26.68
C SER A 523 30.33 9.60 -25.77
N GLU A 524 31.20 8.92 -25.02
CA GLU A 524 32.05 9.62 -24.07
C GLU A 524 32.97 10.61 -24.79
N LYS A 525 33.71 10.12 -25.79
CA LYS A 525 34.62 10.99 -26.53
C LYS A 525 33.87 12.09 -27.26
N SER A 526 32.72 11.76 -27.86
CA SER A 526 32.00 12.76 -28.63
C SER A 526 31.51 13.89 -27.72
N VAL A 527 30.89 13.54 -26.59
CA VAL A 527 30.38 14.58 -25.70
C VAL A 527 31.52 15.34 -25.04
N GLN A 528 32.62 14.66 -24.72
CA GLN A 528 33.76 15.33 -24.13
C GLN A 528 34.35 16.36 -25.08
N GLN A 529 34.55 15.97 -26.34
CA GLN A 529 35.10 16.91 -27.31
C GLN A 529 34.09 18.01 -27.63
N ALA A 530 32.80 17.70 -27.60
CA ALA A 530 31.79 18.74 -27.83
C ALA A 530 31.83 19.80 -26.74
N LEU A 531 31.85 19.38 -25.46
CA LEU A 531 31.90 20.36 -24.39
C LEU A 531 33.23 21.12 -24.40
N GLU A 532 34.32 20.43 -24.75
CA GLU A 532 35.59 21.14 -24.92
C GLU A 532 35.51 22.20 -26.03
N VAL A 533 34.84 21.88 -27.14
CA VAL A 533 34.53 22.87 -28.16
C VAL A 533 33.72 24.01 -27.58
N LEU A 534 32.81 23.68 -26.68
CA LEU A 534 32.05 24.73 -26.02
C LEU A 534 32.94 25.57 -25.08
N MET A 535 34.12 25.06 -24.72
CA MET A 535 34.91 25.73 -23.69
C MET A 535 36.39 25.99 -23.98
N GLU A 536 36.83 26.22 -25.23
CA GLU A 536 38.24 26.60 -25.37
C GLU A 536 38.55 27.88 -24.63
N GLY A 537 37.54 28.72 -24.45
CA GLY A 537 37.73 29.98 -23.76
C GLY A 537 36.78 30.16 -22.60
N ARG A 538 36.32 29.05 -22.04
CA ARG A 538 35.33 29.04 -20.97
C ARG A 538 35.82 28.13 -19.85
N THR A 539 35.32 28.41 -18.64
CA THR A 539 35.77 27.70 -17.45
C THR A 539 34.89 26.48 -17.18
N THR A 540 35.54 25.41 -16.71
CA THR A 540 34.85 24.17 -16.36
C THR A 540 35.34 23.67 -15.01
N ILE A 541 34.46 22.95 -14.31
CA ILE A 541 34.81 22.29 -13.06
C ILE A 541 34.00 21.01 -12.93
N VAL A 542 34.67 19.93 -12.52
CA VAL A 542 34.08 18.60 -12.44
C VAL A 542 34.48 17.93 -11.14
N ILE A 543 33.53 17.21 -10.53
CA ILE A 543 33.78 16.57 -9.25
C ILE A 543 33.53 15.05 -9.39
N ALA A 544 33.76 14.51 -10.57
CA ALA A 544 33.43 13.11 -10.85
C ALA A 544 34.40 12.17 -10.16
N HIS A 545 34.30 10.88 -10.47
CA HIS A 545 35.06 9.83 -9.78
C HIS A 545 35.78 8.95 -10.78
N ARG A 546 36.31 9.55 -11.84
CA ARG A 546 37.09 8.83 -12.85
C ARG A 546 38.29 9.64 -13.29
N LEU A 547 38.91 9.26 -14.40
CA LEU A 547 40.17 9.86 -14.82
C LEU A 547 40.18 10.48 -16.21
N SER A 548 39.08 10.44 -16.96
CA SER A 548 39.06 11.08 -18.27
C SER A 548 39.05 12.61 -18.14
N THR A 549 38.15 13.13 -17.29
CA THR A 549 38.06 14.58 -17.13
C THR A 549 39.31 15.15 -16.50
N VAL A 550 39.95 14.39 -15.60
CA VAL A 550 41.12 14.91 -14.90
C VAL A 550 42.29 15.04 -15.87
N VAL A 551 42.46 14.07 -16.78
CA VAL A 551 43.53 14.19 -17.77
C VAL A 551 43.14 15.20 -18.83
N ASP A 552 41.86 15.51 -18.96
CA ASP A 552 41.44 16.67 -19.72
C ASP A 552 41.47 17.96 -18.90
N ALA A 553 41.87 17.88 -17.63
CA ALA A 553 41.88 19.03 -16.73
C ALA A 553 43.32 19.43 -16.46
N ASP A 554 43.57 20.75 -16.45
CA ASP A 554 44.89 21.27 -16.13
C ASP A 554 45.14 21.40 -14.64
N GLN A 555 44.09 21.56 -13.83
CA GLN A 555 44.20 21.60 -12.38
C GLN A 555 43.41 20.44 -11.80
N LEU A 556 44.02 19.71 -10.89
CA LEU A 556 43.41 18.53 -10.29
C LEU A 556 43.43 18.69 -8.79
N LEU A 557 42.26 18.64 -8.17
CA LEU A 557 42.12 18.88 -6.75
C LEU A 557 41.41 17.73 -6.09
N PHE A 558 41.68 17.55 -4.79
CA PHE A 558 41.13 16.48 -3.98
C PHE A 558 40.52 17.06 -2.71
N VAL A 559 39.51 16.38 -2.18
CA VAL A 559 38.84 16.81 -0.96
C VAL A 559 38.92 15.68 0.05
N GLU A 560 39.17 16.02 1.31
CA GLU A 560 39.20 15.03 2.38
C GLU A 560 38.75 15.68 3.66
N LYS A 561 37.74 15.07 4.30
CA LYS A 561 37.18 15.56 5.56
C LYS A 561 36.74 17.00 5.44
N GLY A 562 36.17 17.36 4.28
CA GLY A 562 35.81 18.74 4.04
C GLY A 562 37.00 19.68 4.05
N GLU A 563 38.10 19.28 3.43
CA GLU A 563 39.31 20.09 3.41
C GLU A 563 40.02 19.90 2.07
N ILE A 564 40.57 21.00 1.55
CA ILE A 564 41.24 20.95 0.26
C ILE A 564 42.61 20.30 0.39
N THR A 565 42.91 19.40 -0.52
CA THR A 565 44.16 18.64 -0.54
C THR A 565 44.45 18.25 -2.00
N GLY A 566 45.64 17.66 -2.21
CA GLY A 566 46.04 17.15 -3.50
C GLY A 566 46.04 18.04 -4.74
N ARG A 567 46.53 19.26 -4.61
CA ARG A 567 46.58 20.21 -5.71
C ARG A 567 47.80 20.07 -6.62
N GLY A 568 47.84 20.86 -7.70
CA GLY A 568 48.95 20.82 -8.64
C GLY A 568 48.53 20.26 -10.00
N THR A 569 49.50 20.23 -10.91
CA THR A 569 49.26 19.72 -12.25
C THR A 569 48.93 18.24 -12.19
N HIS A 570 48.33 17.74 -13.28
CA HIS A 570 47.79 16.38 -13.27
C HIS A 570 48.89 15.34 -13.06
N HIS A 571 49.76 15.17 -14.06
CA HIS A 571 50.59 13.96 -14.10
C HIS A 571 51.53 13.84 -12.91
N GLU A 572 52.52 14.72 -12.82
CA GLU A 572 53.56 14.54 -11.81
C GLU A 572 53.02 14.79 -10.41
N LEU A 573 52.32 15.91 -10.20
CA LEU A 573 51.86 16.26 -8.87
C LEU A 573 50.84 15.25 -8.35
N MET A 574 49.91 14.82 -9.20
CA MET A 574 48.92 13.85 -8.76
C MET A 574 49.54 12.49 -8.53
N ALA A 575 50.41 12.01 -9.43
CA ALA A 575 51.04 10.72 -9.23
C ALA A 575 51.87 10.73 -7.95
N SER A 576 52.52 11.86 -7.66
CA SER A 576 53.28 11.96 -6.42
C SER A 576 52.36 11.95 -5.20
N HIS A 577 51.44 12.91 -5.12
CA HIS A 577 50.64 13.07 -3.91
C HIS A 577 49.14 13.03 -4.17
N GLY A 578 48.67 13.77 -5.19
CA GLY A 578 47.23 13.94 -5.37
C GLY A 578 46.53 12.64 -5.72
N LEU A 579 46.90 12.03 -6.85
CA LEU A 579 46.31 10.78 -7.29
C LEU A 579 46.76 9.60 -6.44
N TYR A 580 47.75 9.81 -5.57
CA TYR A 580 48.25 8.79 -4.65
C TYR A 580 47.45 8.79 -3.36
N ARG A 581 47.97 8.12 -2.34
CA ARG A 581 47.38 8.06 -1.00
C ARG A 581 45.99 7.48 -1.27
N ASP A 582 44.97 7.83 -0.47
CA ASP A 582 43.68 7.17 -0.63
C ASP A 582 43.11 6.98 -2.03
N PHE A 583 43.43 7.87 -2.96
CA PHE A 583 42.99 7.63 -4.33
C PHE A 583 43.70 6.43 -4.92
N ALA A 584 45.01 6.30 -4.68
CA ALA A 584 45.72 5.09 -5.09
C ALA A 584 45.15 3.87 -4.38
N GLU A 585 44.76 4.03 -3.12
CA GLU A 585 44.15 2.94 -2.37
C GLU A 585 42.86 2.47 -3.02
N GLN A 586 42.00 3.41 -3.41
CA GLN A 586 40.73 3.02 -4.05
C GLN A 586 40.95 2.54 -5.47
N GLN A 587 42.03 3.00 -6.13
CA GLN A 587 42.40 2.45 -7.42
C GLN A 587 42.81 0.99 -7.27
N LEU A 588 43.51 0.66 -6.19
CA LEU A 588 43.76 -0.73 -5.85
C LEU A 588 42.44 -1.46 -5.58
N LYS A 589 41.50 -0.77 -4.92
CA LYS A 589 40.19 -1.35 -4.69
C LYS A 589 39.45 -1.61 -6.00
N MET A 590 39.77 -0.85 -7.04
CA MET A 590 39.15 -1.03 -8.34
C MET A 590 39.56 -2.38 -8.92
N SER B 20 -24.60 -25.68 -9.50
CA SER B 20 -23.45 -26.43 -10.00
C SER B 20 -22.22 -26.18 -9.15
N LYS B 21 -21.89 -24.90 -8.94
CA LYS B 21 -20.77 -24.51 -8.10
C LYS B 21 -20.98 -24.96 -6.65
N LEU B 22 -22.24 -25.19 -6.28
CA LEU B 22 -22.52 -25.80 -4.99
C LEU B 22 -21.86 -27.17 -4.88
N LYS B 23 -21.65 -27.86 -6.00
CA LYS B 23 -20.95 -29.15 -5.94
C LYS B 23 -19.52 -28.99 -5.45
N PRO B 24 -18.68 -28.14 -6.05
CA PRO B 24 -17.34 -27.92 -5.45
C PRO B 24 -17.41 -27.36 -4.04
N PHE B 25 -18.33 -26.44 -3.79
CA PHE B 25 -18.40 -25.84 -2.45
C PHE B 25 -18.67 -26.91 -1.40
N PHE B 26 -19.65 -27.77 -1.65
CA PHE B 26 -19.96 -28.85 -0.72
C PHE B 26 -18.85 -29.89 -0.68
N ALA B 27 -18.14 -30.09 -1.79
CA ALA B 27 -16.99 -31.00 -1.74
C ALA B 27 -15.97 -30.49 -0.75
N LEU B 28 -15.69 -29.20 -0.77
CA LEU B 28 -14.73 -28.63 0.17
C LEU B 28 -15.23 -28.74 1.61
N VAL B 29 -16.46 -28.31 1.85
CA VAL B 29 -16.95 -28.35 3.23
C VAL B 29 -17.09 -29.80 3.70
N ARG B 30 -17.18 -30.75 2.78
CA ARG B 30 -17.12 -32.16 3.14
C ARG B 30 -15.70 -32.56 3.51
N ARG B 31 -14.72 -32.03 2.78
CA ARG B 31 -13.33 -32.21 3.20
C ARG B 31 -13.15 -31.71 4.62
N THR B 32 -13.98 -30.74 5.04
CA THR B 32 -13.96 -30.31 6.43
C THR B 32 -15.18 -31.11 6.80
N ASN B 33 -15.03 -32.40 7.15
CA ASN B 33 -16.14 -33.23 7.70
C ASN B 33 -17.17 -33.38 8.85
N PRO B 34 -16.96 -32.72 10.01
CA PRO B 34 -17.91 -33.10 11.07
C PRO B 34 -19.03 -32.30 11.72
N SER B 35 -19.38 -31.13 11.19
CA SER B 35 -20.52 -30.40 11.77
C SER B 35 -21.79 -30.05 11.00
N TYR B 36 -22.52 -31.05 10.51
CA TYR B 36 -23.69 -30.77 9.69
C TYR B 36 -25.01 -30.75 10.48
N GLY B 37 -24.98 -31.20 11.73
CA GLY B 37 -26.21 -31.29 12.52
C GLY B 37 -26.24 -30.03 13.37
N LYS B 38 -25.11 -29.64 13.92
CA LYS B 38 -25.07 -28.46 14.76
C LYS B 38 -25.42 -27.23 13.94
N LEU B 39 -24.92 -27.17 12.70
CA LEU B 39 -25.26 -26.06 11.82
C LEU B 39 -26.75 -26.00 11.55
N ALA B 40 -27.37 -27.16 11.31
CA ALA B 40 -28.81 -27.16 11.09
C ALA B 40 -29.55 -26.67 12.32
N PHE B 41 -29.10 -27.12 13.50
CA PHE B 41 -29.65 -26.60 14.74
C PHE B 41 -29.57 -25.09 14.77
N ALA B 42 -28.40 -24.54 14.43
CA ALA B 42 -28.21 -23.09 14.48
C ALA B 42 -29.16 -22.40 13.52
N LEU B 43 -29.30 -22.96 12.32
CA LEU B 43 -30.13 -22.32 11.31
C LEU B 43 -31.58 -22.27 11.76
N ALA B 44 -32.10 -23.40 12.26
CA ALA B 44 -33.48 -23.43 12.71
C ALA B 44 -33.69 -22.50 13.89
N LEU B 45 -32.70 -22.42 14.79
CA LEU B 45 -32.84 -21.51 15.92
C LEU B 45 -32.88 -20.07 15.43
N SER B 46 -32.08 -19.73 14.43
CA SER B 46 -32.15 -18.39 13.85
C SER B 46 -33.52 -18.14 13.25
N VAL B 47 -34.09 -19.16 12.60
CA VAL B 47 -35.40 -18.99 11.98
C VAL B 47 -36.44 -18.69 13.04
N VAL B 48 -36.45 -19.45 14.12
CA VAL B 48 -37.43 -19.19 15.16
C VAL B 48 -37.16 -17.84 15.80
N THR B 49 -35.90 -17.43 15.81
CA THR B 49 -35.57 -16.08 16.29
C THR B 49 -36.28 -15.03 15.47
N THR B 50 -36.18 -15.14 14.15
CA THR B 50 -36.84 -14.17 13.30
C THR B 50 -38.36 -14.22 13.48
N LEU B 51 -38.91 -15.42 13.66
CA LEU B 51 -40.34 -15.51 13.94
C LEU B 51 -40.69 -14.77 15.23
N VAL B 52 -39.83 -14.86 16.24
CA VAL B 52 -40.07 -14.11 17.46
C VAL B 52 -40.08 -12.62 17.18
N SER B 53 -39.12 -12.17 16.36
CA SER B 53 -39.08 -10.77 15.97
C SER B 53 -40.38 -10.37 15.30
N LEU B 54 -40.95 -11.27 14.50
CA LEU B 54 -42.24 -11.02 13.90
C LEU B 54 -43.32 -10.88 14.97
N LEU B 55 -43.22 -11.70 16.01
CA LEU B 55 -44.21 -11.67 17.08
C LEU B 55 -44.20 -10.33 17.80
N ILE B 56 -43.02 -9.74 17.94
CA ILE B 56 -42.85 -8.56 18.80
C ILE B 56 -43.92 -7.50 18.56
N PRO B 57 -44.17 -7.05 17.32
CA PRO B 57 -45.13 -5.97 17.14
C PRO B 57 -46.51 -6.28 17.70
N LEU B 58 -46.94 -7.54 17.55
CA LEU B 58 -48.32 -7.85 17.89
C LEU B 58 -48.60 -7.68 19.37
N LEU B 59 -47.63 -8.02 20.21
CA LEU B 59 -47.86 -7.81 21.63
C LEU B 59 -47.98 -6.33 21.95
N THR B 60 -47.17 -5.49 21.29
CA THR B 60 -47.36 -4.06 21.43
C THR B 60 -48.74 -3.65 20.95
N LYS B 61 -49.24 -4.32 19.92
CA LYS B 61 -50.56 -4.00 19.40
C LYS B 61 -51.62 -4.27 20.45
N GLN B 62 -51.50 -5.42 21.13
CA GLN B 62 -52.40 -5.70 22.25
C GLN B 62 -52.24 -4.65 23.35
N LEU B 63 -51.01 -4.25 23.62
CA LEU B 63 -50.79 -3.23 24.63
C LEU B 63 -51.52 -1.95 24.29
N VAL B 64 -51.48 -1.57 23.02
CA VAL B 64 -52.22 -0.40 22.57
C VAL B 64 -53.72 -0.64 22.73
N ASP B 65 -54.14 -1.89 22.51
CA ASP B 65 -55.56 -2.21 22.62
C ASP B 65 -56.07 -2.04 24.05
N GLY B 66 -55.21 -2.30 25.03
CA GLY B 66 -55.63 -2.18 26.42
C GLY B 66 -55.92 -0.75 26.82
N PHE B 67 -54.92 0.11 26.69
CA PHE B 67 -55.00 1.57 26.56
C PHE B 67 -55.52 2.34 27.77
N SER B 68 -56.09 1.67 28.78
CA SER B 68 -56.76 2.43 29.83
C SER B 68 -56.13 2.19 31.20
N MET B 69 -56.07 0.93 31.61
CA MET B 69 -55.61 0.57 32.94
C MET B 69 -54.17 0.09 32.92
N SER B 70 -53.60 -0.08 34.13
CA SER B 70 -52.19 -0.38 34.28
C SER B 70 -51.89 -1.82 34.68
N ASN B 71 -52.87 -2.56 35.19
CA ASN B 71 -52.59 -3.91 35.69
C ASN B 71 -52.36 -4.88 34.55
N LEU B 72 -53.39 -5.10 33.71
CA LEU B 72 -53.20 -5.94 32.53
C LEU B 72 -52.17 -5.35 31.59
N SER B 73 -52.03 -4.02 31.57
CA SER B 73 -50.93 -3.42 30.83
C SER B 73 -49.60 -3.88 31.40
N GLY B 74 -49.50 -3.94 32.74
CA GLY B 74 -48.29 -4.47 33.35
C GLY B 74 -48.04 -5.91 32.98
N THR B 75 -49.10 -6.72 32.92
CA THR B 75 -48.95 -8.11 32.49
C THR B 75 -48.42 -8.18 31.07
N GLN B 76 -48.97 -7.36 30.18
CA GLN B 76 -48.51 -7.37 28.80
C GLN B 76 -47.07 -6.89 28.69
N ILE B 77 -46.69 -5.90 29.52
CA ILE B 77 -45.28 -5.51 29.58
C ILE B 77 -44.41 -6.68 29.99
N GLY B 78 -44.88 -7.45 30.97
CA GLY B 78 -44.14 -8.64 31.34
C GLY B 78 -43.97 -9.59 30.17
N LEU B 79 -45.05 -9.82 29.43
CA LEU B 79 -44.98 -10.71 28.28
C LEU B 79 -43.99 -10.20 27.24
N ILE B 80 -44.03 -8.91 26.93
CA ILE B 80 -43.15 -8.39 25.89
C ILE B 80 -41.70 -8.43 26.36
N ALA B 81 -41.46 -8.14 27.64
CA ALA B 81 -40.10 -8.23 28.13
C ALA B 81 -39.59 -9.65 28.04
N LEU B 82 -40.44 -10.61 28.44
CA LEU B 82 -40.04 -12.00 28.40
C LEU B 82 -39.72 -12.42 26.97
N VAL B 83 -40.52 -11.97 26.01
CA VAL B 83 -40.29 -12.41 24.64
C VAL B 83 -39.02 -11.79 24.07
N PHE B 84 -38.76 -10.50 24.36
CA PHE B 84 -37.44 -9.98 24.02
C PHE B 84 -36.32 -10.81 24.63
N PHE B 85 -36.46 -11.16 25.90
CA PHE B 85 -35.37 -11.87 26.55
C PHE B 85 -35.15 -13.22 25.90
N VAL B 86 -36.23 -13.91 25.53
CA VAL B 86 -36.10 -15.18 24.84
C VAL B 86 -35.42 -14.98 23.50
N GLN B 87 -35.86 -13.98 22.74
CA GLN B 87 -35.25 -13.71 21.44
C GLN B 87 -33.76 -13.50 21.58
N ALA B 88 -33.38 -12.65 22.52
CA ALA B 88 -31.97 -12.34 22.70
C ALA B 88 -31.18 -13.56 23.08
N GLY B 89 -31.64 -14.31 24.08
CA GLY B 89 -30.89 -15.47 24.53
C GLY B 89 -30.73 -16.51 23.43
N LEU B 90 -31.83 -16.84 22.77
CA LEU B 90 -31.76 -17.88 21.74
C LEU B 90 -30.92 -17.42 20.56
N SER B 91 -31.07 -16.15 20.16
CA SER B 91 -30.27 -15.64 19.07
C SER B 91 -28.81 -15.67 19.43
N ALA B 92 -28.49 -15.33 20.67
CA ALA B 92 -27.10 -15.35 21.12
C ALA B 92 -26.55 -16.76 21.02
N TYR B 93 -27.32 -17.74 21.50
CA TYR B 93 -26.85 -19.12 21.43
C TYR B 93 -26.64 -19.53 19.99
N ALA B 94 -27.57 -19.16 19.11
CA ALA B 94 -27.46 -19.52 17.71
C ALA B 94 -26.19 -18.94 17.11
N THR B 95 -25.95 -17.66 17.35
CA THR B 95 -24.80 -17.01 16.75
C THR B 95 -23.51 -17.60 17.29
N TYR B 96 -23.45 -17.85 18.59
CA TYR B 96 -22.23 -18.45 19.13
C TYR B 96 -21.98 -19.81 18.52
N ALA B 97 -23.01 -20.64 18.46
CA ALA B 97 -22.83 -21.97 17.92
C ALA B 97 -22.37 -21.88 16.47
N LEU B 98 -22.99 -20.99 15.71
CA LEU B 98 -22.66 -20.85 14.30
C LEU B 98 -21.20 -20.44 14.14
N ASN B 99 -20.79 -19.38 14.82
CA ASN B 99 -19.42 -18.92 14.66
C ASN B 99 -18.42 -19.92 15.19
N TYR B 100 -18.73 -20.60 16.30
CA TYR B 100 -17.77 -21.57 16.82
C TYR B 100 -17.58 -22.70 15.84
N ASN B 101 -18.67 -23.24 15.31
CA ASN B 101 -18.54 -24.28 14.32
C ASN B 101 -17.77 -23.77 13.12
N GLY B 102 -18.05 -22.54 12.69
CA GLY B 102 -17.34 -22.01 11.55
C GLY B 102 -15.86 -21.88 11.80
N GLN B 103 -15.48 -21.50 13.01
CA GLN B 103 -14.07 -21.44 13.32
C GLN B 103 -13.45 -22.82 13.36
N LYS B 104 -14.19 -23.83 13.80
CA LYS B 104 -13.70 -25.19 13.66
C LYS B 104 -13.51 -25.53 12.18
N ILE B 105 -14.46 -25.10 11.35
CA ILE B 105 -14.36 -25.35 9.93
C ILE B 105 -13.10 -24.71 9.38
N ILE B 106 -12.86 -23.45 9.75
CA ILE B 106 -11.74 -22.72 9.19
C ILE B 106 -10.44 -23.32 9.68
N SER B 107 -10.45 -23.84 10.91
CA SER B 107 -9.29 -24.56 11.42
C SER B 107 -9.00 -25.76 10.55
N GLY B 108 -10.04 -26.52 10.22
CA GLY B 108 -9.85 -27.66 9.34
C GLY B 108 -9.31 -27.27 7.98
N LEU B 109 -9.88 -26.23 7.39
CA LEU B 109 -9.42 -25.76 6.09
C LEU B 109 -7.95 -25.40 6.13
N ARG B 110 -7.58 -24.53 7.07
CA ARG B 110 -6.19 -24.10 7.13
C ARG B 110 -5.28 -25.27 7.42
N GLU B 111 -5.69 -26.18 8.28
CA GLU B 111 -4.85 -27.32 8.62
C GLU B 111 -4.57 -28.14 7.38
N LEU B 112 -5.64 -28.54 6.69
CA LEU B 112 -5.45 -29.37 5.50
C LEU B 112 -4.61 -28.64 4.48
N LEU B 113 -4.90 -27.35 4.27
CA LEU B 113 -4.24 -26.60 3.23
C LEU B 113 -2.75 -26.50 3.51
N TRP B 114 -2.40 -26.13 4.74
CA TRP B 114 -0.99 -25.98 5.09
C TRP B 114 -0.29 -27.32 5.02
N LYS B 115 -0.93 -28.38 5.53
CA LYS B 115 -0.35 -29.70 5.50
C LYS B 115 0.01 -30.07 4.07
N LYS B 116 -0.95 -29.93 3.16
CA LYS B 116 -0.70 -30.28 1.78
C LYS B 116 0.38 -29.39 1.18
N LEU B 117 0.22 -28.08 1.36
CA LEU B 117 1.04 -27.07 0.71
C LEU B 117 2.49 -27.16 1.14
N ILE B 118 2.74 -27.71 2.32
CA ILE B 118 4.11 -27.88 2.75
C ILE B 118 4.58 -29.26 2.31
N LYS B 119 3.85 -30.29 2.71
CA LYS B 119 4.27 -31.66 2.49
C LYS B 119 4.52 -31.95 1.03
N LEU B 120 3.48 -31.89 0.20
CA LEU B 120 3.66 -32.41 -1.14
C LEU B 120 4.45 -31.47 -2.04
N PRO B 121 3.98 -30.26 -2.29
CA PRO B 121 4.33 -29.60 -3.55
C PRO B 121 5.81 -29.33 -3.67
N VAL B 122 6.46 -30.05 -4.57
CA VAL B 122 7.88 -29.92 -4.80
C VAL B 122 8.15 -28.53 -5.36
N SER B 123 9.41 -28.11 -5.31
CA SER B 123 9.84 -26.73 -5.45
C SER B 123 9.08 -25.91 -6.47
N TYR B 124 8.94 -26.42 -7.69
CA TYR B 124 8.58 -25.54 -8.79
C TYR B 124 7.21 -24.91 -8.61
N PHE B 125 6.30 -25.56 -7.88
CA PHE B 125 4.99 -24.94 -7.70
C PHE B 125 5.09 -23.66 -6.88
N ASP B 126 5.95 -23.65 -5.88
CA ASP B 126 6.15 -22.39 -5.16
C ASP B 126 6.94 -21.41 -5.95
N THR B 127 7.48 -21.89 -7.06
CA THR B 127 8.03 -21.01 -8.09
C THR B 127 6.94 -20.23 -8.81
N ASN B 128 5.70 -20.71 -8.77
CA ASN B 128 4.57 -19.95 -9.29
C ASN B 128 4.50 -18.56 -8.69
N ALA B 129 4.55 -18.47 -7.36
CA ALA B 129 4.46 -17.20 -6.67
C ALA B 129 4.93 -17.37 -5.24
N SER B 130 5.16 -16.26 -4.53
CA SER B 130 5.56 -16.40 -3.14
C SER B 130 4.52 -15.83 -2.20
N GLY B 131 4.29 -14.52 -2.26
CA GLY B 131 3.33 -13.91 -1.37
C GLY B 131 1.91 -14.19 -1.79
N GLU B 132 1.70 -14.49 -3.07
CA GLU B 132 0.35 -14.69 -3.58
C GLU B 132 -0.28 -15.92 -2.96
N THR B 133 0.50 -16.99 -2.77
CA THR B 133 -0.05 -18.21 -2.19
C THR B 133 -0.53 -18.00 -0.76
N VAL B 134 0.34 -17.44 0.08
CA VAL B 134 -0.04 -17.22 1.47
C VAL B 134 -1.19 -16.22 1.56
N SER B 135 -1.18 -15.23 0.67
CA SER B 135 -2.29 -14.29 0.61
C SER B 135 -3.60 -15.00 0.29
N ARG B 136 -3.56 -15.89 -0.70
CA ARG B 136 -4.72 -16.70 -1.06
C ARG B 136 -5.22 -17.40 0.19
N VAL B 137 -4.32 -18.09 0.86
CA VAL B 137 -4.69 -18.88 2.02
C VAL B 137 -5.43 -18.00 3.00
N THR B 138 -4.72 -16.99 3.52
CA THR B 138 -5.28 -16.14 4.56
C THR B 138 -6.62 -15.54 4.16
N ASN B 139 -6.61 -14.70 3.13
CA ASN B 139 -7.81 -13.90 2.84
C ASN B 139 -8.96 -14.79 2.40
N ASP B 140 -8.70 -15.78 1.56
CA ASP B 140 -9.79 -16.61 1.04
C ASP B 140 -10.40 -17.46 2.15
N THR B 141 -9.58 -17.98 3.06
CA THR B 141 -10.16 -18.66 4.22
C THR B 141 -11.03 -17.70 5.02
N MET B 142 -10.55 -16.48 5.24
CA MET B 142 -11.35 -15.54 6.02
C MET B 142 -12.69 -15.29 5.35
N VAL B 143 -12.67 -15.11 4.03
CA VAL B 143 -13.89 -14.83 3.29
C VAL B 143 -14.84 -16.00 3.38
N VAL B 144 -14.32 -17.21 3.23
CA VAL B 144 -15.18 -18.40 3.28
C VAL B 144 -15.85 -18.50 4.64
N LYS B 145 -15.09 -18.28 5.71
CA LYS B 145 -15.64 -18.39 7.06
C LYS B 145 -16.72 -17.36 7.29
N GLU B 146 -16.42 -16.10 6.96
CA GLU B 146 -17.38 -15.03 7.16
C GLU B 146 -18.65 -15.31 6.35
N LEU B 147 -18.47 -15.73 5.10
CA LEU B 147 -19.57 -16.22 4.29
C LEU B 147 -20.43 -17.17 5.06
N ILE B 148 -19.85 -18.33 5.41
CA ILE B 148 -20.63 -19.43 5.97
C ILE B 148 -21.46 -18.85 7.09
N THR B 149 -20.77 -18.38 8.13
CA THR B 149 -21.49 -17.99 9.32
C THR B 149 -22.48 -16.84 9.32
N THR B 150 -22.09 -15.76 8.64
CA THR B 150 -22.78 -14.50 8.84
C THR B 150 -23.81 -14.52 7.73
N HIS B 151 -23.40 -14.86 6.50
CA HIS B 151 -24.31 -14.66 5.39
C HIS B 151 -25.27 -15.83 5.23
N ILE B 152 -24.82 -17.07 5.43
CA ILE B 152 -25.83 -18.12 5.35
C ILE B 152 -26.86 -17.92 6.45
N SER B 153 -26.47 -17.29 7.56
CA SER B 153 -27.50 -16.84 8.49
C SER B 153 -28.36 -15.77 7.84
N GLY B 154 -27.73 -14.65 7.47
CA GLY B 154 -28.42 -13.43 7.12
C GLY B 154 -29.39 -13.57 5.97
N PHE B 155 -28.96 -14.20 4.88
CA PHE B 155 -29.85 -14.36 3.74
C PHE B 155 -31.15 -15.04 4.14
N ILE B 156 -31.02 -16.21 4.77
CA ILE B 156 -32.22 -16.99 5.10
C ILE B 156 -33.09 -16.21 6.06
N THR B 157 -32.49 -15.68 7.13
CA THR B 157 -33.30 -15.01 8.12
C THR B 157 -34.02 -13.81 7.51
N GLY B 158 -33.31 -13.05 6.68
CA GLY B 158 -33.91 -11.86 6.10
C GLY B 158 -35.00 -12.17 5.10
N ILE B 159 -34.80 -13.18 4.25
CA ILE B 159 -35.80 -13.47 3.24
C ILE B 159 -37.06 -14.00 3.91
N ILE B 160 -36.88 -14.89 4.89
CA ILE B 160 -38.04 -15.37 5.63
C ILE B 160 -38.73 -14.20 6.31
N SER B 161 -37.94 -13.32 6.94
CA SER B 161 -38.50 -12.16 7.62
C SER B 161 -39.33 -11.33 6.67
N VAL B 162 -38.79 -10.98 5.52
CA VAL B 162 -39.45 -10.02 4.65
C VAL B 162 -40.68 -10.63 4.01
N ILE B 163 -40.61 -11.88 3.56
CA ILE B 163 -41.80 -12.48 2.95
C ILE B 163 -42.90 -12.63 3.97
N GLY B 164 -42.58 -13.24 5.12
CA GLY B 164 -43.58 -13.34 6.16
C GLY B 164 -44.06 -11.97 6.60
N SER B 165 -43.22 -10.96 6.49
CA SER B 165 -43.59 -9.64 6.95
C SER B 165 -44.60 -9.01 6.02
N LEU B 166 -44.36 -9.07 4.72
CA LEU B 166 -45.34 -8.58 3.78
C LEU B 166 -46.63 -9.39 3.88
N THR B 167 -46.52 -10.66 4.25
CA THR B 167 -47.71 -11.47 4.48
C THR B 167 -48.51 -10.92 5.65
N ILE B 168 -47.85 -10.65 6.77
CA ILE B 168 -48.53 -10.08 7.92
C ILE B 168 -49.08 -8.71 7.58
N LEU B 169 -48.40 -8.01 6.68
CA LEU B 169 -48.91 -6.74 6.19
C LEU B 169 -50.22 -6.92 5.43
N PHE B 170 -50.27 -7.91 4.54
CA PHE B 170 -51.51 -8.25 3.84
C PHE B 170 -52.62 -8.54 4.82
N ILE B 171 -52.31 -9.33 5.85
CA ILE B 171 -53.33 -9.66 6.84
C ILE B 171 -53.79 -8.41 7.58
N MET B 172 -52.85 -7.56 7.99
CA MET B 172 -53.19 -6.36 8.75
C MET B 172 -53.80 -5.33 7.83
N ASN B 173 -53.23 -5.20 6.64
CA ASN B 173 -53.63 -4.15 5.71
C ASN B 173 -54.02 -4.77 4.37
N TRP B 174 -55.19 -4.38 3.86
CA TRP B 174 -55.72 -4.88 2.60
C TRP B 174 -55.31 -4.58 1.18
N LYS B 175 -55.55 -3.37 0.68
CA LYS B 175 -55.29 -3.14 -0.74
C LYS B 175 -55.27 -1.68 -0.33
N LEU B 176 -54.34 -1.40 0.59
CA LEU B 176 -54.17 -0.14 1.31
C LEU B 176 -52.88 0.66 1.29
N THR B 177 -52.02 0.46 2.29
CA THR B 177 -51.00 1.42 2.71
C THR B 177 -49.86 0.42 2.76
N LEU B 178 -49.83 -0.54 1.86
CA LEU B 178 -48.75 -1.53 1.88
C LEU B 178 -48.51 -1.36 0.39
N LEU B 179 -49.57 -1.12 -0.38
CA LEU B 179 -49.38 -0.87 -1.81
C LEU B 179 -48.54 0.37 -2.03
N VAL B 180 -48.84 1.45 -1.29
CA VAL B 180 -48.00 2.63 -1.36
C VAL B 180 -46.58 2.28 -0.94
N LEU B 181 -46.46 1.42 0.07
CA LEU B 181 -45.14 0.99 0.50
C LEU B 181 -44.36 0.35 -0.62
N VAL B 182 -45.03 -0.52 -1.38
CA VAL B 182 -44.33 -1.29 -2.41
C VAL B 182 -44.05 -0.41 -3.63
N VAL B 183 -44.83 0.65 -3.81
CA VAL B 183 -44.55 1.55 -4.94
C VAL B 183 -43.45 2.55 -4.58
N VAL B 184 -43.22 2.79 -3.29
CA VAL B 184 -42.13 3.69 -2.90
C VAL B 184 -40.76 3.26 -3.44
N PRO B 185 -40.33 2.01 -3.24
CA PRO B 185 -39.03 1.62 -3.79
C PRO B 185 -38.99 1.66 -5.29
N LEU B 186 -40.14 1.71 -5.97
CA LEU B 186 -40.12 2.02 -7.39
C LEU B 186 -39.46 3.37 -7.63
N ALA B 187 -39.94 4.40 -6.92
CA ALA B 187 -39.29 5.70 -6.99
C ALA B 187 -37.86 5.63 -6.48
N ALA B 188 -37.59 4.79 -5.47
CA ALA B 188 -36.21 4.67 -4.98
C ALA B 188 -35.29 4.12 -6.06
N LEU B 189 -35.77 3.13 -6.82
CA LEU B 189 -34.98 2.58 -7.90
C LEU B 189 -34.79 3.61 -9.00
N ILE B 190 -35.80 4.44 -9.22
CA ILE B 190 -35.63 5.57 -10.13
C ILE B 190 -34.54 6.50 -9.61
N LEU B 191 -34.47 6.63 -8.29
CA LEU B 191 -33.47 7.46 -7.63
C LEU B 191 -32.04 6.97 -7.82
N VAL B 192 -31.81 5.68 -7.59
CA VAL B 192 -30.47 5.13 -7.42
C VAL B 192 -29.48 5.49 -8.53
N PRO B 193 -29.82 5.36 -9.83
CA PRO B 193 -28.81 5.62 -10.85
C PRO B 193 -28.22 7.02 -10.78
N ILE B 194 -28.98 7.96 -10.21
CA ILE B 194 -28.44 9.29 -10.00
C ILE B 194 -27.26 9.23 -9.04
N GLY B 195 -27.39 8.45 -7.97
CA GLY B 195 -26.25 8.22 -7.10
C GLY B 195 -25.08 7.56 -7.81
N ARG B 196 -25.36 6.65 -8.74
CA ARG B 196 -24.30 6.05 -9.53
C ARG B 196 -23.57 7.11 -10.36
N LYS B 197 -24.31 8.03 -10.95
CA LYS B 197 -23.69 9.11 -11.72
C LYS B 197 -22.82 9.98 -10.83
N MET B 198 -23.31 10.30 -9.63
CA MET B 198 -22.50 11.03 -8.66
C MET B 198 -21.22 10.26 -8.36
N PHE B 199 -21.33 8.96 -8.19
CA PHE B 199 -20.17 8.12 -7.94
C PHE B 199 -19.18 8.17 -9.10
N SER B 200 -19.68 8.18 -10.32
CA SER B 200 -18.82 8.24 -11.50
C SER B 200 -18.02 9.55 -11.52
N ILE B 201 -18.71 10.66 -11.26
CA ILE B 201 -18.00 11.93 -11.24
C ILE B 201 -16.97 11.95 -10.12
N SER B 202 -17.31 11.38 -8.97
CA SER B 202 -16.33 11.28 -7.89
C SER B 202 -15.10 10.50 -8.34
N ARG B 203 -15.33 9.37 -9.02
CA ARG B 203 -14.22 8.55 -9.53
C ARG B 203 -13.31 9.37 -10.44
N GLU B 204 -13.89 10.06 -11.41
CA GLU B 204 -13.09 10.92 -12.27
C GLU B 204 -12.34 11.95 -11.44
N THR B 205 -12.95 12.39 -10.34
CA THR B 205 -12.31 13.38 -9.49
C THR B 205 -11.02 12.85 -8.87
N GLN B 206 -11.07 11.69 -8.19
CA GLN B 206 -9.82 11.26 -7.58
C GLN B 206 -8.84 10.83 -8.66
N ASP B 207 -9.35 10.40 -9.82
CA ASP B 207 -8.45 10.08 -10.93
C ASP B 207 -7.62 11.30 -11.32
N GLU B 208 -8.29 12.43 -11.54
CA GLU B 208 -7.56 13.62 -11.94
C GLU B 208 -6.67 14.13 -10.81
N THR B 209 -7.10 13.99 -9.56
CA THR B 209 -6.24 14.41 -8.47
C THR B 209 -4.97 13.58 -8.44
N ALA B 210 -5.11 12.27 -8.65
CA ALA B 210 -3.93 11.41 -8.74
C ALA B 210 -3.04 11.84 -9.89
N ARG B 211 -3.64 12.28 -11.00
CA ARG B 211 -2.83 12.80 -12.10
C ARG B 211 -2.02 14.01 -11.65
N PHE B 212 -2.65 14.92 -10.91
CA PHE B 212 -1.94 16.10 -10.44
C PHE B 212 -0.80 15.70 -9.51
N THR B 213 -1.08 14.72 -8.64
CA THR B 213 -0.06 14.22 -7.73
C THR B 213 1.12 13.65 -8.50
N GLY B 214 0.83 12.89 -9.55
CA GLY B 214 1.89 12.33 -10.36
C GLY B 214 2.72 13.41 -11.04
N LEU B 215 2.05 14.45 -11.53
CA LEU B 215 2.78 15.56 -12.12
C LEU B 215 3.73 16.17 -11.10
N LEU B 216 3.25 16.38 -9.88
CA LEU B 216 4.10 16.97 -8.85
C LEU B 216 5.26 16.05 -8.52
N ASN B 217 4.98 14.75 -8.43
CA ASN B 217 6.03 13.77 -8.12
C ASN B 217 7.10 13.78 -9.18
N GLN B 218 6.70 13.95 -10.43
CA GLN B 218 7.67 14.07 -11.51
C GLN B 218 8.48 15.34 -11.37
N ILE B 219 7.82 16.44 -10.99
CA ILE B 219 8.47 17.74 -11.03
C ILE B 219 9.54 17.86 -9.94
N LEU B 220 9.18 17.53 -8.70
CA LEU B 220 10.06 17.91 -7.59
C LEU B 220 11.49 17.39 -7.66
N PRO B 221 11.75 16.11 -7.90
CA PRO B 221 13.12 15.61 -7.77
C PRO B 221 14.09 16.33 -8.68
N GLU B 222 13.59 16.85 -9.79
CA GLU B 222 14.44 17.57 -10.73
C GLU B 222 14.45 19.07 -10.45
N ILE B 223 13.99 19.49 -9.27
CA ILE B 223 14.04 20.90 -8.92
C ILE B 223 15.45 21.43 -9.05
N ARG B 224 16.45 20.57 -8.93
CA ARG B 224 17.83 20.95 -9.20
C ARG B 224 17.96 21.61 -10.57
N LEU B 225 17.63 20.86 -11.62
CA LEU B 225 17.71 21.42 -12.97
C LEU B 225 16.70 22.55 -13.15
N VAL B 226 15.56 22.44 -12.48
CA VAL B 226 14.54 23.47 -12.61
C VAL B 226 15.10 24.83 -12.21
N LYS B 227 15.69 24.89 -11.02
CA LYS B 227 16.25 26.15 -10.55
C LYS B 227 17.46 26.52 -11.39
N ALA B 228 18.37 25.57 -11.63
CA ALA B 228 19.58 25.87 -12.37
C ALA B 228 19.26 26.47 -13.73
N SER B 229 18.13 26.08 -14.29
CA SER B 229 17.71 26.58 -15.59
C SER B 229 17.08 27.96 -15.48
N ASN B 230 16.84 28.43 -14.26
CA ASN B 230 16.09 29.66 -14.03
C ASN B 230 14.72 29.58 -14.70
N ALA B 231 14.10 28.40 -14.67
CA ALA B 231 12.84 28.16 -15.36
C ALA B 231 11.69 27.94 -14.38
N GLU B 232 11.77 28.61 -13.23
CA GLU B 232 10.69 28.52 -12.26
C GLU B 232 9.38 29.06 -12.82
N ASP B 233 9.45 29.99 -13.77
CA ASP B 233 8.24 30.60 -14.30
C ASP B 233 7.42 29.63 -15.13
N VAL B 234 8.07 28.93 -16.05
CA VAL B 234 7.35 27.96 -16.87
C VAL B 234 6.82 26.85 -16.00
N GLU B 235 7.54 26.49 -14.94
CA GLU B 235 7.03 25.45 -14.05
C GLU B 235 5.83 25.93 -13.25
N TYR B 236 5.88 27.18 -12.79
CA TYR B 236 4.72 27.77 -12.16
C TYR B 236 3.54 27.75 -13.12
N GLY B 237 3.80 27.98 -14.40
CA GLY B 237 2.75 27.89 -15.39
C GLY B 237 2.19 26.48 -15.51
N ARG B 238 3.07 25.48 -15.49
CA ARG B 238 2.60 24.10 -15.55
C ARG B 238 1.72 23.79 -14.35
N GLY B 239 2.15 24.20 -13.18
CA GLY B 239 1.34 24.00 -11.99
C GLY B 239 0.00 24.69 -12.12
N LYS B 240 0.00 25.92 -12.64
CA LYS B 240 -1.24 26.66 -12.81
C LYS B 240 -2.17 25.91 -13.74
N MET B 241 -1.65 25.38 -14.84
CA MET B 241 -2.48 24.62 -15.76
C MET B 241 -3.09 23.40 -15.08
N GLY B 242 -2.28 22.66 -14.33
CA GLY B 242 -2.80 21.51 -13.63
C GLY B 242 -3.89 21.89 -12.64
N ILE B 243 -3.65 22.95 -11.88
CA ILE B 243 -4.63 23.41 -10.90
C ILE B 243 -5.90 23.83 -11.59
N SER B 244 -5.79 24.53 -12.72
CA SER B 244 -6.97 25.00 -13.43
C SER B 244 -7.79 23.83 -13.97
N SER B 245 -7.12 22.79 -14.46
CA SER B 245 -7.85 21.59 -14.88
C SER B 245 -8.59 20.98 -13.70
N LEU B 246 -7.89 20.86 -12.56
CA LEU B 246 -8.55 20.34 -11.37
C LEU B 246 -9.75 21.21 -10.99
N PHE B 247 -9.62 22.52 -11.18
CA PHE B 247 -10.65 23.49 -10.84
C PHE B 247 -11.89 23.30 -11.70
N LYS B 248 -11.69 23.13 -13.00
CA LYS B 248 -12.82 22.85 -13.87
C LYS B 248 -13.52 21.56 -13.45
N LEU B 249 -12.73 20.51 -13.17
CA LEU B 249 -13.35 19.27 -12.75
C LEU B 249 -14.09 19.43 -11.43
N GLY B 250 -13.56 20.26 -10.54
CA GLY B 250 -14.22 20.55 -9.29
C GLY B 250 -15.57 21.20 -9.54
N VAL B 251 -15.61 22.13 -10.49
CA VAL B 251 -16.88 22.76 -10.84
C VAL B 251 -17.87 21.72 -11.35
N ARG B 252 -17.40 20.79 -12.17
CA ARG B 252 -18.25 19.70 -12.63
C ARG B 252 -18.84 18.94 -11.46
N GLU B 253 -17.97 18.48 -10.56
CA GLU B 253 -18.44 17.73 -9.40
C GLU B 253 -19.42 18.56 -8.60
N ALA B 254 -19.17 19.86 -8.52
CA ALA B 254 -20.03 20.74 -7.77
C ALA B 254 -21.43 20.71 -8.37
N LYS B 255 -21.53 20.92 -9.66
CA LYS B 255 -22.83 20.97 -10.29
C LYS B 255 -23.59 19.68 -10.01
N VAL B 256 -22.91 18.55 -10.25
CA VAL B 256 -23.60 17.27 -10.07
C VAL B 256 -24.02 17.08 -8.63
N GLN B 257 -23.11 17.37 -7.70
CA GLN B 257 -23.37 17.13 -6.29
C GLN B 257 -24.57 17.95 -5.85
N SER B 258 -24.62 19.19 -6.32
CA SER B 258 -25.69 20.07 -5.88
C SER B 258 -27.02 19.58 -6.44
N LEU B 259 -27.04 19.19 -7.71
CA LEU B 259 -28.32 18.75 -8.25
C LEU B 259 -28.69 17.35 -7.80
N VAL B 260 -27.76 16.62 -7.17
CA VAL B 260 -28.14 15.30 -6.68
C VAL B 260 -28.62 15.37 -5.23
N GLY B 261 -27.83 15.96 -4.34
CA GLY B 261 -28.08 15.87 -2.92
C GLY B 261 -29.46 16.31 -2.49
N PRO B 262 -29.77 17.58 -2.74
CA PRO B 262 -31.13 18.05 -2.44
C PRO B 262 -32.19 17.24 -3.13
N LEU B 263 -31.92 16.73 -4.32
CA LEU B 263 -32.90 15.86 -4.95
C LEU B 263 -33.08 14.58 -4.14
N ILE B 264 -31.98 14.03 -3.62
CA ILE B 264 -32.07 12.85 -2.77
C ILE B 264 -32.95 13.14 -1.57
N SER B 265 -32.67 14.25 -0.88
CA SER B 265 -33.41 14.60 0.32
C SER B 265 -34.88 14.81 -0.01
N LEU B 266 -35.16 15.53 -1.10
CA LEU B 266 -36.52 15.73 -1.58
C LEU B 266 -37.26 14.41 -1.71
N VAL B 267 -36.79 13.56 -2.60
CA VAL B 267 -37.56 12.36 -2.92
C VAL B 267 -37.70 11.48 -1.70
N LEU B 268 -36.63 11.32 -0.93
CA LEU B 268 -36.67 10.43 0.23
C LEU B 268 -37.65 10.94 1.27
N MET B 269 -37.50 12.20 1.68
CA MET B 269 -38.37 12.75 2.70
C MET B 269 -39.82 12.77 2.22
N ALA B 270 -40.04 13.09 0.95
CA ALA B 270 -41.39 13.12 0.43
C ALA B 270 -42.03 11.75 0.48
N ALA B 271 -41.32 10.72 0.06
CA ALA B 271 -41.88 9.38 0.11
C ALA B 271 -42.17 8.96 1.54
N LEU B 272 -41.27 9.31 2.45
CA LEU B 272 -41.48 9.01 3.86
C LEU B 272 -42.75 9.68 4.37
N VAL B 273 -42.93 10.96 4.02
CA VAL B 273 -44.12 11.70 4.41
C VAL B 273 -45.37 11.03 3.84
N ALA B 274 -45.29 10.64 2.57
CA ALA B 274 -46.43 9.98 1.94
C ALA B 274 -46.84 8.76 2.74
N VAL B 275 -45.87 7.90 3.03
CA VAL B 275 -46.18 6.66 3.74
C VAL B 275 -46.79 6.98 5.09
N ILE B 276 -46.09 7.80 5.85
CA ILE B 276 -46.46 8.04 7.23
C ILE B 276 -47.81 8.72 7.31
N GLY B 277 -48.01 9.75 6.49
CA GLY B 277 -49.23 10.54 6.57
C GLY B 277 -50.42 9.82 5.97
N TYR B 278 -50.18 8.89 5.05
CA TYR B 278 -51.32 8.11 4.57
C TYR B 278 -51.75 7.13 5.64
N GLY B 279 -50.79 6.54 6.36
CA GLY B 279 -51.16 5.77 7.53
C GLY B 279 -51.93 6.59 8.54
N GLY B 280 -51.47 7.82 8.76
CA GLY B 280 -52.19 8.72 9.66
C GLY B 280 -53.58 9.05 9.14
N MET B 281 -53.71 9.19 7.82
CA MET B 281 -55.00 9.44 7.22
C MET B 281 -55.94 8.29 7.52
N GLN B 282 -55.42 7.06 7.43
CA GLN B 282 -56.21 5.90 7.80
C GLN B 282 -56.66 5.99 9.26
N VAL B 283 -55.71 6.26 10.16
CA VAL B 283 -56.03 6.14 11.59
C VAL B 283 -56.99 7.23 12.02
N SER B 284 -56.81 8.45 11.52
CA SER B 284 -57.68 9.55 11.91
C SER B 284 -59.09 9.32 11.38
N SER B 285 -59.21 8.62 10.26
CA SER B 285 -60.51 8.41 9.64
C SER B 285 -61.34 7.42 10.44
N GLY B 286 -60.75 6.84 11.48
CA GLY B 286 -61.41 5.80 12.20
C GLY B 286 -61.23 4.42 11.62
N GLU B 287 -60.47 4.29 10.54
CA GLU B 287 -60.15 2.98 10.01
C GLU B 287 -59.51 2.24 11.18
N LEU B 288 -59.40 0.92 11.05
CA LEU B 288 -59.05 0.09 12.20
C LEU B 288 -57.54 0.07 12.42
N THR B 289 -56.90 1.23 12.27
CA THR B 289 -55.45 1.23 12.18
C THR B 289 -54.58 1.89 13.25
N ALA B 290 -55.08 2.15 14.46
CA ALA B 290 -54.26 2.84 15.46
C ALA B 290 -53.17 2.13 16.25
N GLY B 291 -53.39 0.84 16.51
CA GLY B 291 -52.30 0.06 17.05
C GLY B 291 -51.74 -0.61 15.83
N ALA B 292 -52.57 -0.80 14.81
CA ALA B 292 -52.01 -1.22 13.53
C ALA B 292 -51.01 -0.20 13.02
N LEU B 293 -51.23 1.09 13.28
CA LEU B 293 -50.24 2.07 12.84
C LEU B 293 -48.92 1.91 13.56
N VAL B 294 -48.95 1.79 14.88
CA VAL B 294 -47.68 1.63 15.58
C VAL B 294 -47.01 0.33 15.13
N ALA B 295 -47.83 -0.70 14.90
CA ALA B 295 -47.29 -1.95 14.37
C ALA B 295 -46.63 -1.71 13.02
N PHE B 296 -47.27 -0.92 12.18
CA PHE B 296 -46.77 -0.68 10.84
C PHE B 296 -45.43 0.02 10.88
N ILE B 297 -45.27 0.99 11.77
CA ILE B 297 -44.02 1.74 11.79
C ILE B 297 -42.89 0.86 12.33
N LEU B 298 -43.11 0.27 13.51
CA LEU B 298 -42.15 -0.69 14.04
C LEU B 298 -41.76 -1.70 12.98
N TYR B 299 -42.72 -2.09 12.17
CA TYR B 299 -42.57 -3.36 11.51
C TYR B 299 -41.95 -3.14 10.15
N LEU B 300 -42.28 -2.01 9.52
CA LEU B 300 -41.51 -1.52 8.38
C LEU B 300 -40.06 -1.26 8.79
N PHE B 301 -39.85 -0.81 10.03
CA PHE B 301 -38.48 -0.67 10.52
C PHE B 301 -37.75 -2.00 10.47
N GLN B 302 -38.40 -3.04 11.00
CA GLN B 302 -37.79 -4.37 10.95
C GLN B 302 -37.66 -4.83 9.49
N ILE B 303 -38.52 -4.34 8.61
CA ILE B 303 -38.41 -4.69 7.19
C ILE B 303 -37.13 -4.14 6.60
N ILE B 304 -36.88 -2.85 6.84
CA ILE B 304 -35.75 -2.20 6.20
C ILE B 304 -34.43 -2.73 6.75
N MET B 305 -34.39 -3.04 8.04
CA MET B 305 -33.12 -3.41 8.65
C MET B 305 -32.31 -4.47 7.90
N PRO B 306 -32.89 -5.57 7.41
CA PRO B 306 -32.09 -6.68 6.89
C PRO B 306 -31.86 -6.69 5.37
N MET B 307 -32.31 -5.69 4.62
CA MET B 307 -32.10 -5.73 3.18
C MET B 307 -30.61 -5.72 2.82
N GLY B 308 -29.82 -4.97 3.59
CA GLY B 308 -28.39 -4.90 3.32
C GLY B 308 -27.73 -6.25 3.37
N GLN B 309 -28.16 -7.10 4.30
CA GLN B 309 -27.61 -8.45 4.38
C GLN B 309 -27.91 -9.22 3.10
N ILE B 310 -29.13 -9.08 2.58
CA ILE B 310 -29.51 -9.76 1.35
C ILE B 310 -28.56 -9.36 0.24
N THR B 311 -28.39 -8.05 0.07
CA THR B 311 -27.55 -7.56 -1.02
C THR B 311 -26.10 -8.01 -0.83
N THR B 312 -25.60 -7.97 0.40
CA THR B 312 -24.21 -8.35 0.64
C THR B 312 -23.97 -9.80 0.32
N PHE B 313 -24.90 -10.68 0.69
CA PHE B 313 -24.76 -12.08 0.32
C PHE B 313 -24.74 -12.23 -1.19
N PHE B 314 -25.68 -11.55 -1.86
CA PHE B 314 -25.74 -11.68 -3.31
C PHE B 314 -24.42 -11.26 -3.95
N THR B 315 -23.80 -10.20 -3.43
CA THR B 315 -22.51 -9.79 -3.94
C THR B 315 -21.45 -10.84 -3.65
N GLN B 316 -21.22 -11.10 -2.37
CA GLN B 316 -20.06 -11.88 -1.97
C GLN B 316 -20.13 -13.32 -2.40
N LEU B 317 -21.27 -13.81 -2.86
CA LEU B 317 -21.32 -15.18 -3.36
C LEU B 317 -20.31 -15.40 -4.47
N GLN B 318 -20.19 -14.44 -5.38
CA GLN B 318 -19.31 -14.62 -6.54
C GLN B 318 -17.85 -14.73 -6.09
N LYS B 319 -17.40 -13.79 -5.25
CA LYS B 319 -16.04 -13.85 -4.75
C LYS B 319 -15.80 -15.12 -3.95
N SER B 320 -16.80 -15.53 -3.17
CA SER B 320 -16.66 -16.75 -2.40
C SER B 320 -16.44 -17.95 -3.30
N ILE B 321 -17.23 -18.05 -4.37
CA ILE B 321 -17.10 -19.19 -5.27
C ILE B 321 -15.76 -19.18 -5.97
N GLY B 322 -15.30 -18.00 -6.39
CA GLY B 322 -13.97 -17.91 -6.98
C GLY B 322 -12.89 -18.34 -5.99
N ALA B 323 -13.04 -17.93 -4.74
CA ALA B 323 -12.12 -18.36 -3.71
C ALA B 323 -12.12 -19.87 -3.56
N THR B 324 -13.30 -20.49 -3.57
CA THR B 324 -13.39 -21.93 -3.46
C THR B 324 -12.70 -22.61 -4.64
N GLU B 325 -12.89 -22.05 -5.83
CA GLU B 325 -12.19 -22.59 -6.99
C GLU B 325 -10.68 -22.53 -6.77
N ARG B 326 -10.19 -21.40 -6.26
CA ARG B 326 -8.76 -21.28 -6.00
C ARG B 326 -8.32 -22.33 -4.99
N MET B 327 -9.10 -22.49 -3.94
CA MET B 327 -8.77 -23.44 -2.89
C MET B 327 -8.64 -24.84 -3.44
N ILE B 328 -9.65 -25.29 -4.17
CA ILE B 328 -9.62 -26.64 -4.71
C ILE B 328 -8.49 -26.78 -5.72
N GLU B 329 -8.17 -25.70 -6.43
CA GLU B 329 -7.05 -25.74 -7.35
C GLU B 329 -5.77 -26.04 -6.59
N ILE B 330 -5.58 -25.37 -5.46
CA ILE B 330 -4.38 -25.58 -4.65
C ILE B 330 -4.39 -26.99 -4.11
N LEU B 331 -5.57 -27.50 -3.77
CA LEU B 331 -5.65 -28.87 -3.28
C LEU B 331 -5.43 -29.92 -4.35
N ALA B 332 -5.57 -29.57 -5.62
CA ALA B 332 -5.58 -30.59 -6.66
C ALA B 332 -4.25 -31.30 -6.80
N GLU B 333 -3.17 -30.53 -6.93
CA GLU B 333 -1.89 -31.11 -7.35
C GLU B 333 -1.29 -32.00 -6.27
N GLU B 334 -0.29 -32.77 -6.66
CA GLU B 334 0.19 -33.91 -5.88
C GLU B 334 1.70 -34.02 -6.01
N GLU B 335 2.32 -34.63 -5.00
CA GLU B 335 3.75 -34.92 -4.97
C GLU B 335 3.97 -36.08 -4.00
N GLU B 336 5.22 -36.52 -3.85
CA GLU B 336 5.47 -37.73 -3.08
C GLU B 336 6.95 -38.01 -2.83
N ASP B 337 7.26 -38.54 -1.64
CA ASP B 337 8.63 -38.88 -1.27
C ASP B 337 9.26 -40.16 -0.76
N THR B 338 8.55 -40.87 0.12
CA THR B 338 9.05 -42.12 0.66
C THR B 338 8.26 -43.13 -0.15
N VAL B 339 7.17 -42.68 -0.79
CA VAL B 339 6.30 -43.52 -1.61
C VAL B 339 7.13 -44.20 -2.69
N THR B 340 8.25 -43.56 -3.06
CA THR B 340 9.02 -44.01 -4.20
C THR B 340 9.56 -45.42 -4.00
N GLY B 341 10.17 -45.69 -2.85
CA GLY B 341 10.74 -46.99 -2.59
C GLY B 341 11.57 -47.05 -1.33
N LYS B 342 12.34 -48.12 -1.16
CA LYS B 342 13.20 -48.28 0.01
C LYS B 342 14.51 -48.90 -0.42
N GLN B 343 14.83 -48.80 -1.70
CA GLN B 343 15.97 -49.49 -2.29
C GLN B 343 17.28 -48.81 -1.94
N ILE B 344 17.25 -47.87 -0.99
CA ILE B 344 18.44 -47.09 -0.67
C ILE B 344 19.55 -47.99 -0.17
N GLU B 345 20.78 -47.65 -0.52
CA GLU B 345 21.97 -48.41 -0.14
C GLU B 345 22.98 -47.47 0.49
N ASN B 346 24.22 -47.96 0.68
CA ASN B 346 25.29 -47.15 1.25
C ASN B 346 25.47 -45.82 0.54
N ALA B 347 25.00 -45.71 -0.71
CA ALA B 347 25.04 -44.46 -1.48
C ALA B 347 26.47 -43.98 -1.69
N HIS B 348 27.31 -44.85 -2.26
CA HIS B 348 28.69 -44.50 -2.60
C HIS B 348 28.99 -45.08 -3.98
N LEU B 349 28.68 -44.30 -5.01
CA LEU B 349 28.83 -44.71 -6.40
C LEU B 349 28.87 -43.46 -7.25
N PRO B 350 29.69 -43.44 -8.30
CA PRO B 350 29.81 -42.21 -9.11
C PRO B 350 28.48 -41.78 -9.68
N ILE B 351 28.27 -40.46 -9.72
CA ILE B 351 27.03 -39.92 -10.24
C ILE B 351 27.13 -39.77 -11.75
N GLN B 352 26.11 -40.29 -12.44
CA GLN B 352 26.11 -40.39 -13.89
C GLN B 352 24.87 -39.69 -14.45
N LEU B 353 25.09 -38.75 -15.36
CA LEU B 353 24.04 -38.14 -16.14
C LEU B 353 24.09 -38.73 -17.54
N ASP B 354 22.99 -39.34 -17.97
CA ASP B 354 22.98 -40.13 -19.21
C ASP B 354 21.99 -39.49 -20.18
N ARG B 355 22.53 -38.72 -21.14
CA ARG B 355 21.75 -38.15 -22.23
C ARG B 355 20.59 -37.34 -21.66
N VAL B 356 20.84 -36.63 -20.56
CA VAL B 356 19.78 -35.93 -19.87
C VAL B 356 19.41 -34.69 -20.67
N SER B 357 18.20 -34.68 -21.22
CA SER B 357 17.68 -33.54 -21.94
C SER B 357 16.50 -32.87 -21.26
N PHE B 358 15.92 -33.50 -20.25
CA PHE B 358 14.76 -32.91 -19.59
C PHE B 358 15.15 -31.62 -18.88
N GLY B 359 14.48 -30.55 -19.25
CA GLY B 359 14.64 -29.29 -18.56
C GLY B 359 13.34 -28.85 -17.91
N TYR B 360 12.72 -27.82 -18.47
CA TYR B 360 11.41 -27.36 -18.02
C TYR B 360 10.32 -28.08 -18.81
N LYS B 361 9.11 -27.52 -18.78
CA LYS B 361 7.96 -28.04 -19.52
C LYS B 361 8.41 -28.59 -20.89
N PRO B 362 7.89 -29.77 -21.29
CA PRO B 362 8.42 -30.45 -22.49
C PRO B 362 8.48 -29.60 -23.75
N ASP B 363 7.78 -28.48 -23.75
CA ASP B 363 7.80 -27.57 -24.88
C ASP B 363 8.77 -26.42 -24.73
N GLN B 364 9.39 -26.27 -23.55
CA GLN B 364 10.40 -25.23 -23.38
C GLN B 364 11.79 -25.77 -23.69
N LEU B 365 12.14 -26.91 -23.11
CA LEU B 365 13.36 -27.65 -23.45
C LEU B 365 14.62 -26.84 -23.22
N ILE B 366 14.91 -26.48 -21.96
CA ILE B 366 16.10 -25.74 -21.60
C ILE B 366 17.34 -26.63 -21.56
N LEU B 367 17.15 -27.94 -21.61
CA LEU B 367 18.24 -28.89 -21.49
C LEU B 367 18.27 -29.78 -22.71
N LYS B 368 19.42 -30.39 -22.98
CA LYS B 368 19.56 -31.28 -24.13
C LYS B 368 20.72 -32.25 -23.90
N GLU B 369 20.38 -33.52 -23.72
CA GLU B 369 21.32 -34.66 -23.78
C GLU B 369 22.49 -34.48 -22.82
N VAL B 370 22.35 -33.62 -21.82
CA VAL B 370 23.46 -33.33 -20.92
C VAL B 370 23.88 -34.59 -20.20
N SER B 371 25.11 -35.03 -20.47
CA SER B 371 25.65 -36.26 -19.91
C SER B 371 26.95 -35.93 -19.20
N ALA B 372 27.15 -36.54 -18.03
CA ALA B 372 28.34 -36.28 -17.24
C ALA B 372 28.67 -37.51 -16.42
N VAL B 373 29.94 -37.62 -16.04
CA VAL B 373 30.45 -38.71 -15.22
C VAL B 373 31.28 -38.08 -14.12
N ILE B 374 30.81 -38.16 -12.88
CA ILE B 374 31.56 -37.66 -11.74
C ILE B 374 31.84 -38.82 -10.80
N GLU B 375 33.12 -39.05 -10.53
CA GLU B 375 33.53 -40.22 -9.77
C GLU B 375 33.08 -40.10 -8.32
N ALA B 376 32.78 -41.25 -7.72
CA ALA B 376 32.36 -41.30 -6.33
C ALA B 376 33.50 -40.88 -5.40
N GLY B 377 33.13 -40.20 -4.32
CA GLY B 377 34.13 -39.79 -3.34
C GLY B 377 35.17 -38.84 -3.91
N LYS B 378 34.77 -38.02 -4.88
CA LYS B 378 35.68 -37.10 -5.55
C LYS B 378 35.11 -35.69 -5.49
N VAL B 379 35.97 -34.73 -5.20
CA VAL B 379 35.57 -33.33 -5.24
C VAL B 379 35.49 -32.88 -6.70
N THR B 380 34.28 -32.53 -7.14
CA THR B 380 34.07 -32.12 -8.52
C THR B 380 33.17 -30.90 -8.55
N ALA B 381 33.61 -29.86 -9.25
CA ALA B 381 32.84 -28.63 -9.39
C ALA B 381 32.36 -28.50 -10.83
N ILE B 382 31.45 -27.54 -11.03
CA ILE B 382 30.91 -27.23 -12.35
C ILE B 382 31.12 -25.75 -12.61
N VAL B 383 31.12 -25.40 -13.88
CA VAL B 383 31.20 -24.00 -14.32
C VAL B 383 30.11 -23.80 -15.36
N GLY B 384 29.31 -22.74 -15.19
CA GLY B 384 28.26 -22.42 -16.12
C GLY B 384 28.15 -20.93 -16.36
N PRO B 385 27.50 -20.54 -17.45
CA PRO B 385 27.38 -19.11 -17.79
C PRO B 385 26.24 -18.45 -17.02
N SER B 386 26.33 -17.14 -16.92
CA SER B 386 25.31 -16.34 -16.25
C SER B 386 24.13 -16.18 -17.20
N GLY B 387 23.25 -17.19 -17.19
CA GLY B 387 22.07 -17.15 -18.04
C GLY B 387 21.94 -18.39 -18.90
N GLY B 388 22.84 -19.35 -18.72
CA GLY B 388 22.78 -20.59 -19.47
C GLY B 388 21.92 -21.64 -18.78
N GLY B 389 22.55 -22.74 -18.35
CA GLY B 389 21.82 -23.79 -17.67
C GLY B 389 22.43 -24.22 -16.35
N LYS B 390 23.34 -23.38 -15.81
CA LYS B 390 24.04 -23.74 -14.58
C LYS B 390 23.07 -23.90 -13.41
N THR B 391 22.14 -22.95 -13.25
CA THR B 391 21.17 -23.06 -12.16
C THR B 391 20.26 -24.26 -12.37
N THR B 392 19.87 -24.50 -13.61
CA THR B 392 19.03 -25.67 -13.90
C THR B 392 19.76 -26.97 -13.59
N LEU B 393 21.05 -27.05 -13.93
CA LEU B 393 21.80 -28.25 -13.58
C LEU B 393 21.93 -28.38 -12.07
N PHE B 394 22.05 -27.26 -11.35
CA PHE B 394 22.00 -27.27 -9.90
C PHE B 394 20.71 -27.92 -9.39
N LYS B 395 19.57 -27.43 -9.88
CA LYS B 395 18.30 -28.00 -9.45
C LYS B 395 18.09 -29.43 -9.94
N LEU B 396 18.85 -29.86 -10.95
CA LEU B 396 18.77 -31.26 -11.37
C LEU B 396 19.61 -32.16 -10.47
N LEU B 397 20.81 -31.70 -10.10
CA LEU B 397 21.60 -32.45 -9.14
C LEU B 397 20.88 -32.58 -7.81
N GLU B 398 20.26 -31.50 -7.34
CA GLU B 398 19.47 -31.59 -6.14
C GLU B 398 18.13 -32.28 -6.39
N ARG B 399 17.82 -32.56 -7.65
CA ARG B 399 16.73 -33.46 -8.02
C ARG B 399 15.36 -33.06 -7.47
N PHE B 400 14.98 -31.79 -7.62
CA PHE B 400 13.57 -31.47 -7.45
C PHE B 400 12.77 -31.75 -8.71
N TYR B 401 13.32 -31.43 -9.87
CA TYR B 401 12.66 -31.72 -11.12
C TYR B 401 12.70 -33.22 -11.40
N SER B 402 11.67 -33.69 -12.10
CA SER B 402 11.52 -35.11 -12.39
C SER B 402 11.98 -35.38 -13.80
N PRO B 403 13.13 -36.02 -13.99
CA PRO B 403 13.63 -36.27 -15.36
C PRO B 403 12.67 -37.09 -16.20
N THR B 404 12.13 -36.49 -17.25
CA THR B 404 11.20 -37.20 -18.12
C THR B 404 11.91 -37.82 -19.31
N ALA B 405 12.69 -37.01 -20.03
CA ALA B 405 13.42 -37.52 -21.18
C ALA B 405 14.78 -38.08 -20.76
N GLY B 406 15.52 -37.32 -19.97
CA GLY B 406 16.83 -37.77 -19.54
C GLY B 406 16.79 -38.70 -18.35
N THR B 407 17.92 -39.35 -18.11
CA THR B 407 18.10 -40.25 -16.97
C THR B 407 19.44 -39.97 -16.31
N ILE B 408 19.38 -39.56 -15.04
CA ILE B 408 20.58 -39.49 -14.21
C ILE B 408 20.86 -40.88 -13.65
N ARG B 409 21.81 -41.58 -14.24
CA ARG B 409 22.08 -42.96 -13.85
C ARG B 409 22.72 -43.03 -12.48
N LEU B 410 22.15 -43.86 -11.61
CA LEU B 410 22.76 -44.22 -10.33
C LEU B 410 22.31 -45.61 -9.91
N GLY B 411 23.27 -46.46 -9.55
CA GLY B 411 22.97 -47.78 -9.02
C GLY B 411 22.35 -48.73 -10.03
N ASP B 412 22.62 -48.49 -11.31
CA ASP B 412 22.13 -49.32 -12.41
C ASP B 412 20.61 -49.20 -12.31
N GLU B 413 20.07 -47.98 -12.53
CA GLU B 413 18.68 -47.57 -12.70
C GLU B 413 17.75 -47.82 -11.50
N PRO B 414 18.11 -47.71 -10.20
CA PRO B 414 17.15 -47.64 -9.11
C PRO B 414 17.30 -46.18 -8.69
N VAL B 415 18.13 -45.42 -9.42
CA VAL B 415 18.33 -44.01 -9.11
C VAL B 415 17.03 -43.31 -8.71
N ASP B 416 15.98 -43.50 -9.50
CA ASP B 416 14.69 -42.97 -9.09
C ASP B 416 14.10 -43.89 -8.03
N THR B 417 14.27 -45.21 -8.22
CA THR B 417 13.46 -46.20 -7.52
C THR B 417 13.60 -46.15 -6.01
N TYR B 418 14.83 -46.04 -5.49
CA TYR B 418 14.99 -45.94 -4.05
C TYR B 418 14.42 -44.61 -3.55
N SER B 419 14.07 -44.58 -2.28
CA SER B 419 13.35 -43.45 -1.70
C SER B 419 14.07 -42.14 -1.98
N LEU B 420 13.35 -41.20 -2.59
CA LEU B 420 13.87 -39.85 -2.72
C LEU B 420 14.13 -39.24 -1.34
N GLU B 421 13.27 -39.57 -0.37
CA GLU B 421 13.53 -39.15 0.99
C GLU B 421 14.84 -39.74 1.50
N SER B 422 15.09 -41.01 1.18
CA SER B 422 16.34 -41.63 1.60
C SER B 422 17.54 -40.98 0.91
N TRP B 423 17.40 -40.67 -0.38
CA TRP B 423 18.50 -40.00 -1.07
C TRP B 423 18.79 -38.63 -0.48
N ARG B 424 17.76 -37.80 -0.32
CA ARG B 424 17.96 -36.47 0.25
C ARG B 424 18.38 -36.56 1.70
N GLU B 425 18.13 -37.71 2.31
CA GLU B 425 18.66 -37.99 3.64
C GLU B 425 20.18 -38.10 3.58
N HIS B 426 20.72 -38.50 2.44
CA HIS B 426 22.18 -38.49 2.24
C HIS B 426 22.71 -37.16 1.73
N ILE B 427 21.84 -36.22 1.36
CA ILE B 427 22.33 -34.98 0.76
C ILE B 427 23.07 -34.13 1.77
N GLY B 428 24.13 -33.47 1.29
CA GLY B 428 24.91 -32.52 2.07
C GLY B 428 24.63 -31.10 1.63
N TYR B 429 23.35 -30.72 1.57
CA TYR B 429 22.96 -29.43 1.03
C TYR B 429 23.61 -28.29 1.81
N VAL B 430 24.02 -27.25 1.05
CA VAL B 430 24.51 -26.02 1.64
C VAL B 430 24.45 -24.93 0.58
N SER B 431 24.24 -23.69 1.02
CA SER B 431 24.24 -22.56 0.10
C SER B 431 24.48 -21.28 0.89
N GLN B 432 25.11 -20.30 0.24
CA GLN B 432 25.51 -19.08 0.94
C GLN B 432 24.31 -18.20 1.25
N GLU B 433 23.30 -18.22 0.38
CA GLU B 433 22.14 -17.35 0.56
C GLU B 433 21.40 -17.68 1.84
N SER B 434 21.38 -18.97 2.19
CA SER B 434 20.50 -19.55 3.20
C SER B 434 20.56 -18.87 4.56
N PRO B 435 19.51 -18.15 4.95
CA PRO B 435 19.42 -17.68 6.34
C PRO B 435 18.98 -18.80 7.26
N LEU B 436 18.63 -18.47 8.50
CA LEU B 436 18.25 -19.49 9.47
C LEU B 436 16.74 -19.56 9.59
N MET B 437 16.25 -20.74 9.94
CA MET B 437 14.90 -20.86 10.45
C MET B 437 14.77 -20.07 11.75
N SER B 438 13.58 -19.52 11.98
CA SER B 438 13.38 -18.64 13.13
C SER B 438 13.56 -19.40 14.44
N GLY B 439 14.23 -18.76 15.40
CA GLY B 439 14.36 -19.32 16.73
C GLY B 439 15.74 -19.28 17.35
N THR B 440 16.30 -20.46 17.65
CA THR B 440 17.56 -20.56 18.37
C THR B 440 18.50 -21.51 17.64
N ILE B 441 19.71 -21.66 18.19
CA ILE B 441 20.75 -22.46 17.56
C ILE B 441 20.40 -23.94 17.59
N ARG B 442 19.74 -24.40 18.66
CA ARG B 442 19.41 -25.81 18.80
C ARG B 442 18.54 -26.31 17.65
N GLU B 443 17.70 -25.44 17.11
CA GLU B 443 16.82 -25.85 16.03
C GLU B 443 17.57 -26.28 14.79
N ASN B 444 18.82 -25.86 14.62
CA ASN B 444 19.61 -26.33 13.49
C ASN B 444 19.77 -27.85 13.54
N ILE B 445 20.25 -28.36 14.67
CA ILE B 445 20.40 -29.80 14.81
C ILE B 445 19.06 -30.51 14.99
N CYS B 446 18.06 -29.82 15.55
CA CYS B 446 16.72 -30.39 15.56
C CYS B 446 16.20 -30.59 14.14
N TYR B 447 16.61 -29.72 13.22
CA TYR B 447 16.39 -29.98 11.80
C TYR B 447 17.25 -31.15 11.35
N GLY B 448 18.44 -31.29 11.95
CA GLY B 448 19.27 -32.44 11.65
C GLY B 448 18.69 -33.74 12.16
N LEU B 449 17.63 -33.67 12.96
CA LEU B 449 16.97 -34.87 13.48
C LEU B 449 16.45 -35.75 12.34
N GLU B 450 16.75 -37.03 12.42
CA GLU B 450 16.28 -38.04 11.49
C GLU B 450 15.83 -39.29 12.25
N ARG B 451 14.96 -39.08 13.24
CA ARG B 451 14.58 -40.07 14.24
C ARG B 451 15.75 -40.47 15.12
N ASP B 452 16.84 -39.70 15.06
CA ASP B 452 18.04 -39.95 15.84
C ASP B 452 17.93 -38.93 16.97
N VAL B 453 17.94 -37.63 16.64
CA VAL B 453 17.90 -36.49 17.56
C VAL B 453 19.36 -36.25 17.95
N THR B 454 20.25 -37.16 17.56
CA THR B 454 21.67 -37.17 17.94
C THR B 454 21.88 -37.07 19.44
N ASP B 455 20.87 -37.48 20.21
CA ASP B 455 20.91 -37.63 21.66
C ASP B 455 21.37 -36.42 22.47
N ALA B 456 22.54 -36.52 23.09
CA ALA B 456 23.22 -35.38 23.68
C ALA B 456 24.55 -35.36 22.95
N GLU B 457 24.57 -35.78 21.70
CA GLU B 457 25.76 -35.78 20.87
C GLU B 457 25.64 -34.51 20.04
N ILE B 458 24.60 -33.72 20.25
CA ILE B 458 24.38 -32.44 19.57
C ILE B 458 25.51 -31.45 19.84
N GLU B 459 25.65 -31.02 21.10
CA GLU B 459 26.72 -30.11 21.48
C GLU B 459 28.08 -30.79 21.42
N LYS B 460 28.11 -32.11 21.66
CA LYS B 460 29.34 -32.87 21.51
C LYS B 460 29.90 -32.74 20.09
N ALA B 461 29.04 -32.93 19.08
CA ALA B 461 29.44 -32.75 17.69
C ALA B 461 29.75 -31.30 17.36
N ALA B 462 28.97 -30.37 17.91
CA ALA B 462 29.26 -28.95 17.73
C ALA B 462 30.69 -28.66 18.16
N GLU B 463 31.11 -29.28 19.27
CA GLU B 463 32.48 -29.16 19.76
C GLU B 463 33.48 -29.86 18.86
N MET B 464 33.18 -31.10 18.48
CA MET B 464 34.11 -31.92 17.71
C MET B 464 34.44 -31.29 16.36
N ALA B 465 33.43 -30.83 15.62
CA ALA B 465 33.67 -30.25 14.31
C ALA B 465 33.94 -28.78 14.05
N TYR B 466 34.31 -28.06 15.10
CA TYR B 466 34.49 -26.61 15.11
C TYR B 466 33.40 -25.55 15.16
N ALA B 467 32.20 -25.96 15.56
CA ALA B 467 31.03 -25.10 15.43
C ALA B 467 30.94 -24.54 16.83
N LEU B 468 31.05 -25.40 17.84
CA LEU B 468 30.93 -24.92 19.22
C LEU B 468 32.05 -23.96 19.59
N ASN B 469 33.24 -24.14 19.00
CA ASN B 469 34.32 -23.17 19.21
C ASN B 469 33.92 -21.79 18.73
N PHE B 470 33.21 -21.71 17.60
CA PHE B 470 32.65 -20.47 17.09
C PHE B 470 31.56 -19.42 17.07
N ILE B 471 30.36 -19.80 17.53
CA ILE B 471 29.21 -18.92 17.67
C ILE B 471 29.46 -18.09 18.92
N LYS B 472 30.28 -17.04 18.76
CA LYS B 472 30.50 -16.05 19.80
C LYS B 472 30.62 -16.66 21.19
N GLU B 473 31.63 -17.52 21.38
CA GLU B 473 31.91 -18.23 22.62
C GLU B 473 30.65 -18.78 23.29
N LEU B 474 29.72 -19.27 22.47
CA LEU B 474 28.47 -19.92 22.90
C LEU B 474 27.72 -19.22 24.04
N PRO B 475 27.21 -17.99 23.82
CA PRO B 475 26.47 -17.29 24.87
C PRO B 475 25.49 -18.17 25.63
N ASN B 476 24.85 -19.11 24.93
CA ASN B 476 24.17 -20.21 25.59
C ASN B 476 23.89 -21.29 24.55
N GLN B 477 23.86 -22.55 25.00
CA GLN B 477 23.67 -23.66 24.07
C GLN B 477 22.25 -23.75 23.54
N PHE B 478 21.28 -23.16 24.24
CA PHE B 478 19.89 -23.27 23.83
C PHE B 478 19.19 -21.92 23.79
N ASP B 479 19.57 -21.01 24.68
CA ASP B 479 18.94 -19.69 24.71
C ASP B 479 19.53 -18.75 23.69
N THR B 480 20.56 -19.19 22.96
CA THR B 480 21.11 -18.32 21.93
C THR B 480 20.10 -18.19 20.81
N GLU B 481 19.38 -17.07 20.79
CA GLU B 481 18.26 -16.88 19.87
C GLU B 481 18.82 -16.40 18.53
N VAL B 482 18.70 -17.24 17.50
CA VAL B 482 19.28 -16.91 16.21
C VAL B 482 18.52 -15.77 15.55
N GLY B 483 17.29 -15.54 15.98
CA GLY B 483 16.54 -14.45 15.41
C GLY B 483 15.30 -14.93 14.67
N GLU B 484 14.24 -14.11 14.73
CA GLU B 484 13.03 -14.38 13.95
C GLU B 484 13.40 -14.42 12.47
N ARG B 485 14.21 -13.44 12.05
CA ARG B 485 14.75 -13.49 10.70
C ARG B 485 16.20 -13.98 10.71
N GLY B 486 16.97 -13.57 11.72
CA GLY B 486 18.38 -13.89 11.77
C GLY B 486 19.31 -12.75 11.45
N ILE B 487 18.91 -11.51 11.76
CA ILE B 487 19.72 -10.34 11.39
C ILE B 487 20.97 -10.23 12.24
N MET B 488 20.87 -10.55 13.54
CA MET B 488 21.94 -10.26 14.47
C MET B 488 22.94 -11.42 14.38
N LEU B 489 23.31 -11.82 13.17
CA LEU B 489 24.35 -12.81 12.97
C LEU B 489 24.80 -12.55 11.54
N SER B 490 26.08 -12.78 11.27
CA SER B 490 26.62 -12.52 9.95
C SER B 490 26.56 -13.77 9.07
N GLY B 491 26.91 -13.59 7.80
CA GLY B 491 26.79 -14.68 6.84
C GLY B 491 27.72 -15.84 7.12
N GLY B 492 29.00 -15.56 7.39
CA GLY B 492 29.95 -16.64 7.60
C GLY B 492 29.57 -17.51 8.78
N GLN B 493 29.07 -16.89 9.85
CA GLN B 493 28.66 -17.64 11.03
C GLN B 493 27.59 -18.66 10.65
N ARG B 494 26.52 -18.21 9.99
CA ARG B 494 25.43 -19.11 9.66
C ARG B 494 25.86 -20.15 8.64
N GLN B 495 26.74 -19.78 7.72
CA GLN B 495 27.21 -20.75 6.73
C GLN B 495 27.99 -21.87 7.40
N ARG B 496 28.84 -21.53 8.37
CA ARG B 496 29.53 -22.60 9.07
C ARG B 496 28.59 -23.37 9.98
N ILE B 497 27.56 -22.72 10.51
CA ILE B 497 26.52 -23.47 11.23
C ILE B 497 25.93 -24.54 10.33
N ALA B 498 25.58 -24.15 9.10
CA ALA B 498 25.01 -25.07 8.15
C ALA B 498 25.98 -26.18 7.76
N ILE B 499 27.27 -25.86 7.60
CA ILE B 499 28.23 -26.91 7.22
C ILE B 499 28.39 -27.89 8.37
N ALA B 500 28.40 -27.40 9.61
CA ALA B 500 28.42 -28.30 10.75
C ALA B 500 27.15 -29.14 10.79
N ARG B 501 26.02 -28.55 10.43
CA ARG B 501 24.76 -29.29 10.38
C ARG B 501 24.83 -30.43 9.38
N ALA B 502 25.32 -30.14 8.19
CA ALA B 502 25.43 -31.18 7.16
C ALA B 502 26.44 -32.25 7.55
N LEU B 503 27.56 -31.85 8.16
CA LEU B 503 28.51 -32.83 8.66
C LEU B 503 27.89 -33.71 9.72
N LEU B 504 27.03 -33.12 10.55
CA LEU B 504 26.35 -33.88 11.58
C LEU B 504 25.34 -34.86 10.98
N ARG B 505 24.63 -34.45 9.93
CA ARG B 505 23.50 -35.22 9.43
C ARG B 505 23.95 -36.59 8.94
N ASN B 506 24.73 -36.60 7.85
CA ASN B 506 25.31 -37.82 7.27
C ASN B 506 26.45 -37.12 6.53
N PRO B 507 27.67 -37.63 6.62
CA PRO B 507 28.77 -37.00 5.88
C PRO B 507 29.08 -37.87 4.67
N SER B 508 28.05 -38.51 4.12
CA SER B 508 28.16 -39.36 2.93
C SER B 508 28.22 -38.77 1.54
N ILE B 509 27.31 -37.86 1.20
CA ILE B 509 27.31 -37.17 -0.08
C ILE B 509 27.18 -35.68 0.18
N LEU B 510 28.14 -34.92 -0.32
CA LEU B 510 28.17 -33.48 -0.14
C LEU B 510 27.92 -32.78 -1.46
N MET B 511 27.04 -31.79 -1.45
CA MET B 511 26.94 -30.84 -2.54
C MET B 511 27.47 -29.52 -2.01
N LEU B 512 27.89 -28.65 -2.89
CA LEU B 512 28.39 -27.34 -2.49
C LEU B 512 27.91 -26.31 -3.50
N ASP B 513 27.11 -25.36 -3.03
CA ASP B 513 26.94 -24.09 -3.71
C ASP B 513 28.16 -23.21 -3.52
N ALA B 514 29.16 -23.70 -2.80
CA ALA B 514 30.39 -22.97 -2.52
C ALA B 514 30.05 -21.65 -1.85
N ALA B 515 29.52 -21.72 -0.62
CA ALA B 515 29.20 -20.53 0.15
C ALA B 515 30.63 -20.15 0.49
N THR B 516 31.40 -19.65 -0.47
CA THR B 516 32.74 -19.12 -0.20
C THR B 516 32.77 -17.87 -1.08
N SER B 517 32.35 -16.74 -0.51
CA SER B 517 32.29 -15.48 -1.22
C SER B 517 33.18 -14.38 -0.66
N SER B 518 32.60 -13.52 0.19
CA SER B 518 33.34 -12.46 0.83
C SER B 518 33.19 -12.87 2.30
N LEU B 519 33.98 -13.86 2.74
CA LEU B 519 33.92 -14.31 4.13
C LEU B 519 35.43 -14.43 4.26
N ASP B 520 36.18 -13.43 3.78
CA ASP B 520 37.63 -13.41 3.80
C ASP B 520 38.52 -14.49 3.19
N SER B 521 39.45 -15.00 4.00
CA SER B 521 40.51 -15.90 3.56
C SER B 521 40.71 -16.66 4.85
N GLN B 522 39.92 -16.32 5.88
CA GLN B 522 40.01 -17.01 7.17
C GLN B 522 38.85 -17.98 7.01
N SER B 523 37.64 -17.46 6.84
CA SER B 523 36.47 -18.33 6.80
C SER B 523 36.40 -19.12 5.50
N GLU B 524 36.89 -18.58 4.39
CA GLU B 524 36.89 -19.34 3.14
C GLU B 524 37.72 -20.61 3.30
N LYS B 525 38.96 -20.46 3.76
CA LYS B 525 39.78 -21.64 4.00
C LYS B 525 39.24 -22.48 5.13
N SER B 526 38.54 -21.86 6.10
CA SER B 526 37.94 -22.63 7.17
C SER B 526 36.96 -23.65 6.60
N VAL B 527 36.03 -23.18 5.77
CA VAL B 527 35.06 -24.11 5.19
C VAL B 527 35.74 -25.03 4.18
N GLN B 528 36.81 -24.56 3.52
CA GLN B 528 37.52 -25.43 2.59
C GLN B 528 38.15 -26.62 3.30
N GLN B 529 38.84 -26.38 4.41
CA GLN B 529 39.34 -27.51 5.20
C GLN B 529 38.21 -28.29 5.85
N ALA B 530 37.09 -27.66 6.17
CA ALA B 530 35.95 -28.39 6.71
C ALA B 530 35.46 -29.43 5.70
N LEU B 531 35.38 -29.04 4.43
CA LEU B 531 34.94 -29.97 3.40
C LEU B 531 36.05 -30.91 2.95
N GLU B 532 37.32 -30.53 3.15
CA GLU B 532 38.42 -31.34 2.62
C GLU B 532 38.91 -32.35 3.64
N VAL B 533 38.58 -32.16 4.92
CA VAL B 533 39.04 -33.07 5.96
C VAL B 533 37.88 -33.96 6.40
N LEU B 534 36.80 -33.33 6.87
CA LEU B 534 35.64 -34.10 7.34
C LEU B 534 34.95 -34.83 6.21
N MET B 535 35.13 -34.39 4.96
CA MET B 535 34.32 -34.87 3.85
C MET B 535 35.21 -35.30 2.68
N GLU B 536 36.47 -35.64 3.00
CA GLU B 536 37.48 -35.97 2.00
C GLU B 536 37.12 -37.19 1.16
N GLY B 537 37.03 -38.35 1.80
CA GLY B 537 36.89 -39.59 1.07
C GLY B 537 35.54 -39.73 0.39
N ARG B 538 34.52 -39.04 0.91
CA ARG B 538 33.18 -39.18 0.38
C ARG B 538 32.90 -38.10 -0.66
N THR B 539 31.79 -38.28 -1.38
CA THR B 539 31.51 -37.49 -2.58
C THR B 539 31.27 -36.02 -2.26
N THR B 540 31.91 -35.14 -3.03
CA THR B 540 31.79 -33.70 -2.85
C THR B 540 31.54 -33.05 -4.21
N ILE B 541 30.49 -32.24 -4.27
CA ILE B 541 30.09 -31.58 -5.51
C ILE B 541 30.02 -30.09 -5.26
N VAL B 542 30.64 -29.30 -6.14
CA VAL B 542 30.78 -27.87 -5.97
C VAL B 542 30.17 -27.13 -7.16
N ILE B 543 29.46 -26.05 -6.89
CA ILE B 543 28.95 -25.17 -7.94
C ILE B 543 29.22 -23.72 -7.59
N ALA B 544 30.03 -23.05 -8.41
CA ALA B 544 30.41 -21.67 -8.14
C ALA B 544 30.87 -21.02 -9.44
N HIS B 545 31.51 -19.85 -9.32
CA HIS B 545 32.06 -19.13 -10.46
C HIS B 545 33.55 -18.86 -10.34
N ARG B 546 34.13 -18.93 -9.15
CA ARG B 546 35.50 -18.52 -8.89
C ARG B 546 36.47 -19.66 -9.18
N LEU B 547 37.76 -19.32 -9.19
CA LEU B 547 38.78 -20.31 -9.51
C LEU B 547 39.21 -21.12 -8.30
N SER B 548 38.87 -20.68 -7.09
CA SER B 548 39.26 -21.43 -5.90
C SER B 548 38.65 -22.83 -5.95
N THR B 549 37.37 -22.91 -6.28
CA THR B 549 36.71 -24.20 -6.39
C THR B 549 37.24 -25.02 -7.56
N VAL B 550 37.59 -24.39 -8.68
CA VAL B 550 38.04 -25.16 -9.85
C VAL B 550 39.40 -25.76 -9.57
N VAL B 551 40.24 -25.07 -8.78
CA VAL B 551 41.54 -25.63 -8.44
C VAL B 551 41.42 -26.61 -7.28
N ASP B 552 40.39 -26.47 -6.45
CA ASP B 552 40.19 -27.41 -5.35
C ASP B 552 39.74 -28.78 -5.84
N ALA B 553 38.82 -28.80 -6.82
CA ALA B 553 38.21 -30.04 -7.25
C ALA B 553 39.19 -30.90 -8.04
N ASP B 554 39.05 -32.22 -7.87
CA ASP B 554 39.87 -33.16 -8.61
C ASP B 554 39.49 -33.20 -10.09
N GLN B 555 38.18 -33.21 -10.38
CA GLN B 555 37.67 -33.15 -11.73
C GLN B 555 36.69 -31.99 -11.82
N LEU B 556 36.62 -31.36 -12.99
CA LEU B 556 35.65 -30.30 -13.21
C LEU B 556 35.07 -30.43 -14.61
N LEU B 557 33.79 -30.06 -14.73
CA LEU B 557 33.11 -30.04 -16.01
C LEU B 557 32.51 -28.65 -16.23
N PHE B 558 32.25 -28.32 -17.48
CA PHE B 558 31.75 -27.00 -17.84
C PHE B 558 30.46 -27.13 -18.63
N VAL B 559 29.54 -26.21 -18.41
CA VAL B 559 28.21 -26.24 -19.01
C VAL B 559 28.01 -24.98 -19.82
N GLU B 560 27.52 -25.13 -21.06
CA GLU B 560 27.25 -23.97 -21.89
C GLU B 560 26.10 -24.29 -22.82
N LYS B 561 25.24 -23.29 -23.05
CA LYS B 561 23.98 -23.47 -23.79
C LYS B 561 23.22 -24.71 -23.34
N GLY B 562 23.19 -24.95 -22.04
CA GLY B 562 22.49 -26.12 -21.53
C GLY B 562 23.05 -27.43 -22.01
N GLU B 563 24.38 -27.55 -22.09
CA GLU B 563 25.04 -28.73 -22.58
C GLU B 563 26.45 -28.78 -22.00
N ILE B 564 26.90 -29.98 -21.63
CA ILE B 564 28.26 -30.12 -21.11
C ILE B 564 29.25 -29.73 -22.19
N THR B 565 30.17 -28.83 -21.83
CA THR B 565 31.20 -28.38 -22.75
C THR B 565 32.56 -28.32 -22.08
N GLY B 566 32.79 -29.18 -21.09
CA GLY B 566 34.08 -29.29 -20.44
C GLY B 566 34.10 -30.51 -19.56
N ARG B 567 35.28 -31.12 -19.44
CA ARG B 567 35.47 -32.34 -18.66
C ARG B 567 36.92 -32.39 -18.19
N GLY B 568 37.24 -33.43 -17.42
CA GLY B 568 38.61 -33.72 -17.06
C GLY B 568 39.10 -32.98 -15.83
N THR B 569 40.37 -33.22 -15.51
CA THR B 569 41.04 -32.60 -14.38
C THR B 569 41.21 -31.11 -14.66
N HIS B 570 41.45 -30.36 -13.57
CA HIS B 570 41.63 -28.91 -13.66
C HIS B 570 42.90 -28.08 -13.70
N HIS B 571 43.95 -28.65 -14.23
CA HIS B 571 45.22 -27.96 -14.44
C HIS B 571 45.80 -27.35 -15.72
N GLU B 572 45.63 -28.05 -16.85
CA GLU B 572 46.15 -27.61 -18.14
C GLU B 572 44.82 -27.62 -18.86
N LEU B 573 43.96 -28.60 -18.56
CA LEU B 573 42.69 -28.71 -19.25
C LEU B 573 41.84 -27.46 -19.06
N MET B 574 41.63 -27.06 -17.80
CA MET B 574 40.80 -25.88 -17.55
C MET B 574 41.55 -24.59 -17.86
N ALA B 575 42.88 -24.61 -17.74
CA ALA B 575 43.65 -23.45 -18.17
C ALA B 575 43.44 -23.16 -19.65
N SER B 576 43.49 -24.21 -20.47
CA SER B 576 43.28 -24.04 -21.91
C SER B 576 41.80 -23.78 -22.23
N HIS B 577 40.90 -24.38 -21.46
CA HIS B 577 39.48 -24.11 -21.63
C HIS B 577 39.19 -22.63 -21.39
N GLY B 578 39.81 -22.05 -20.37
CA GLY B 578 39.80 -20.62 -20.17
C GLY B 578 40.36 -19.92 -21.37
N LEU B 579 41.64 -20.17 -21.65
CA LEU B 579 42.45 -19.45 -22.62
C LEU B 579 41.69 -19.03 -23.89
N TYR B 580 40.90 -19.95 -24.45
CA TYR B 580 40.24 -19.65 -25.72
C TYR B 580 38.93 -18.90 -25.50
N ARG B 581 37.98 -19.50 -24.79
CA ARG B 581 36.66 -18.90 -24.69
C ARG B 581 36.24 -18.65 -23.24
N ASP B 582 36.57 -19.57 -22.32
CA ASP B 582 36.20 -19.37 -20.93
C ASP B 582 36.93 -18.19 -20.31
N PHE B 583 38.12 -17.84 -20.81
CA PHE B 583 38.77 -16.62 -20.37
C PHE B 583 37.94 -15.40 -20.78
N ALA B 584 37.41 -15.40 -21.99
CA ALA B 584 36.51 -14.32 -22.40
C ALA B 584 35.26 -14.29 -21.52
N GLU B 585 34.75 -15.47 -21.16
CA GLU B 585 33.60 -15.53 -20.26
C GLU B 585 33.93 -14.90 -18.91
N GLN B 586 35.12 -15.22 -18.37
CA GLN B 586 35.54 -14.62 -17.11
C GLN B 586 35.67 -13.12 -17.23
N GLN B 587 36.30 -12.63 -18.31
CA GLN B 587 36.41 -11.19 -18.51
C GLN B 587 35.03 -10.54 -18.59
N LEU B 588 34.05 -11.26 -19.14
CA LEU B 588 32.67 -10.81 -19.07
C LEU B 588 32.18 -10.73 -17.62
N LYS B 589 32.55 -11.73 -16.81
CA LYS B 589 32.16 -11.70 -15.40
C LYS B 589 32.73 -10.48 -14.69
N MET B 590 34.02 -10.21 -14.89
CA MET B 590 34.63 -9.02 -14.32
C MET B 590 34.23 -7.79 -15.13
#